data_5KZU
#
_entry.id   5KZU
#
_cell.length_a   98.330
_cell.length_b   98.330
_cell.length_c   268.430
_cell.angle_alpha   90.000
_cell.angle_beta   90.000
_cell.angle_gamma   90.000
#
_symmetry.space_group_name_H-M   'P 41 21 2'
#
loop_
_entity.id
_entity.type
_entity.pdbx_description
1 polymer 'Soluble acetylcholine receptor'
2 non-polymer 'SULFATE ION'
3 non-polymer 'TETRAETHYLENE GLYCOL'
4 non-polymer 9-[[1-[8-methyl-8-(2-phenylethyl)-8-azoniabicyclo[3.2.1]octan-3-yl]triazol-4-yl]methyl]carbazole
5 water water
#
_entity_poly.entity_id   1
_entity_poly.type   'polypeptide(L)'
_entity_poly.pdbx_seq_one_letter_code
;DYKDDDDKLHSQANLMRLKSDLFNRSPMYPGPTKDDPLTVTLGFTLQDIVKADSSTNEVDLVYYEQQRWKLNSLMWDPNE
YGNITDFRTSAADIWTPDITAYSSTRPVQVLSPQIAVVTHDGSVMFIPAQRLSFMCDPTGVDSEEGATCAVKFGSWVYSG
FEIDLKTDTDQVDLSSYYASSKYEILSATQTRQVQHYSCCPEPYIDVNLVVKFRERRAGNGFFRNLFDSR
;
_entity_poly.pdbx_strand_id   A,B,C,D,E
#
loop_
_chem_comp.id
_chem_comp.type
_chem_comp.name
_chem_comp.formula
74S non-polymer 9-[[1-[8-methyl-8-(2-phenylethyl)-8-azoniabicyclo[3.2.1]octan-3-yl]triazol-4-yl]methyl]carbazole 'C31 H34 N5 1'
PG4 non-polymer 'TETRAETHYLENE GLYCOL' 'C8 H18 O5'
SO4 non-polymer 'SULFATE ION' 'O4 S -2'
#
# COMPACT_ATOMS: atom_id res chain seq x y z
N LYS A 8 -12.71 -6.08 38.01
CA LYS A 8 -12.35 -6.29 36.59
C LYS A 8 -12.38 -4.96 35.84
N LEU A 9 -13.42 -4.15 36.05
CA LEU A 9 -13.34 -2.74 35.69
C LEU A 9 -12.14 -2.09 36.37
N HIS A 10 -11.84 -2.53 37.60
CA HIS A 10 -10.75 -1.97 38.39
C HIS A 10 -9.39 -2.37 37.80
N SER A 11 -9.25 -3.59 37.30
CA SER A 11 -7.99 -3.97 36.66
C SER A 11 -7.83 -3.25 35.32
N GLN A 12 -8.92 -3.09 34.55
CA GLN A 12 -8.84 -2.32 33.31
C GLN A 12 -8.48 -0.87 33.57
N ALA A 13 -9.06 -0.27 34.61
CA ALA A 13 -8.72 1.11 34.93
C ALA A 13 -7.27 1.23 35.38
N ASN A 14 -6.75 0.21 36.07
CA ASN A 14 -5.34 0.21 36.46
C ASN A 14 -4.43 0.18 35.24
N LEU A 15 -4.75 -0.66 34.25
CA LEU A 15 -3.95 -0.73 33.03
C LEU A 15 -4.03 0.60 32.27
N MET A 16 -5.24 1.14 32.09
CA MET A 16 -5.39 2.43 31.42
C MET A 16 -4.68 3.54 32.18
N ARG A 17 -4.73 3.53 33.51
CA ARG A 17 -4.00 4.52 34.29
C ARG A 17 -2.49 4.41 34.02
N LEU A 18 -1.98 3.18 34.02
CA LEU A 18 -0.56 2.97 33.72
C LEU A 18 -0.22 3.47 32.32
N LYS A 19 -1.05 3.14 31.33
CA LYS A 19 -0.71 3.51 29.96
C LYS A 19 -0.76 5.02 29.79
N SER A 20 -1.72 5.67 30.45
CA SER A 20 -1.77 7.12 30.43
C SER A 20 -0.52 7.74 31.06
N ASP A 21 -0.06 7.18 32.19
CA ASP A 21 1.09 7.77 32.89
C ASP A 21 2.38 7.60 32.10
N LEU A 22 2.54 6.46 31.43
CA LEU A 22 3.76 6.25 30.66
C LEU A 22 3.80 7.13 29.42
N PHE A 23 2.66 7.30 28.75
CA PHE A 23 2.69 7.98 27.48
C PHE A 23 2.66 9.50 27.63
N ASN A 24 2.38 10.02 28.83
CA ASN A 24 2.46 11.44 29.15
C ASN A 24 3.75 11.84 29.83
N ARG A 25 4.73 10.95 29.96
CA ARG A 25 5.99 11.30 30.61
C ARG A 25 6.74 12.37 29.83
N PRO A 27 9.66 14.34 30.21
CA PRO A 27 9.79 14.66 28.79
C PRO A 27 9.64 13.43 27.89
N MET A 28 9.26 13.64 26.65
CA MET A 28 9.10 12.52 25.73
C MET A 28 10.47 11.94 25.36
N TYR A 29 10.52 10.61 25.21
CA TYR A 29 11.74 9.94 24.76
C TYR A 29 12.05 10.32 23.33
N PRO A 30 13.14 11.02 23.05
CA PRO A 30 13.45 11.42 21.68
C PRO A 30 14.30 10.42 20.90
N GLY A 31 14.49 9.21 21.41
CA GLY A 31 15.42 8.27 20.83
C GLY A 31 16.77 8.33 21.54
N PRO A 32 17.61 7.34 21.29
CA PRO A 32 18.90 7.27 21.99
C PRO A 32 19.86 8.33 21.49
N THR A 33 20.84 8.66 22.34
CA THR A 33 21.90 9.61 22.06
C THR A 33 23.18 9.12 22.72
N LYS A 34 24.29 9.79 22.38
CA LYS A 34 25.57 9.53 23.04
C LYS A 34 25.46 9.55 24.55
N ASP A 35 24.66 10.47 25.11
CA ASP A 35 24.52 10.62 26.55
C ASP A 35 23.48 9.70 27.16
N ASP A 36 22.60 9.15 26.34
CA ASP A 36 21.52 8.27 26.80
C ASP A 36 21.46 7.07 25.88
N PRO A 37 22.54 6.28 25.81
CA PRO A 37 22.62 5.23 24.79
C PRO A 37 21.79 4.02 25.16
N LEU A 38 21.69 3.10 24.21
CA LEU A 38 20.74 2.01 24.30
C LEU A 38 21.37 0.76 23.73
N THR A 39 21.08 -0.39 24.33
CA THR A 39 21.52 -1.66 23.80
C THR A 39 20.32 -2.45 23.30
N VAL A 40 20.39 -2.92 22.05
CA VAL A 40 19.35 -3.74 21.45
C VAL A 40 19.88 -5.17 21.31
N THR A 41 19.15 -6.13 21.86
CA THR A 41 19.49 -7.53 21.71
C THR A 41 18.69 -8.07 20.53
N LEU A 42 19.37 -8.74 19.62
CA LEU A 42 18.78 -9.31 18.41
C LEU A 42 18.99 -10.81 18.38
N GLY A 43 18.01 -11.50 17.83
CA GLY A 43 18.14 -12.94 17.65
C GLY A 43 17.19 -13.37 16.55
N PHE A 44 17.62 -14.30 15.73
CA PHE A 44 16.81 -14.77 14.62
C PHE A 44 16.32 -16.18 14.89
N THR A 45 15.07 -16.45 14.50
CA THR A 45 14.50 -17.79 14.46
C THR A 45 14.12 -18.08 13.01
N LEU A 46 14.91 -18.92 12.35
CA LEU A 46 14.81 -19.13 10.91
C LEU A 46 13.78 -20.20 10.62
N GLN A 47 12.74 -19.85 9.86
CA GLN A 47 11.65 -20.76 9.55
C GLN A 47 11.81 -21.46 8.23
N ASP A 48 12.31 -20.78 7.22
CA ASP A 48 12.28 -21.38 5.88
C ASP A 48 13.12 -20.56 4.91
N ILE A 49 13.92 -21.26 4.11
CA ILE A 49 14.47 -20.71 2.89
C ILE A 49 13.48 -21.08 1.80
N VAL A 50 12.66 -20.10 1.39
CA VAL A 50 11.56 -20.34 0.47
C VAL A 50 12.09 -20.56 -0.93
N LYS A 51 13.02 -19.72 -1.36
CA LYS A 51 13.37 -19.58 -2.76
C LYS A 51 14.80 -19.08 -2.90
N ALA A 52 15.52 -19.68 -3.84
CA ALA A 52 16.88 -19.30 -4.16
C ALA A 52 16.94 -19.17 -5.67
N ASP A 53 17.20 -17.95 -6.14
CA ASP A 53 17.06 -17.62 -7.55
C ASP A 53 18.46 -17.43 -8.14
N SER A 54 18.92 -18.44 -8.89
CA SER A 54 20.28 -18.37 -9.41
C SER A 54 20.40 -17.46 -10.63
N SER A 55 19.30 -17.04 -11.25
CA SER A 55 19.38 -16.11 -12.36
C SER A 55 19.58 -14.67 -11.91
N THR A 56 19.29 -14.36 -10.64
CA THR A 56 19.48 -13.02 -10.10
C THR A 56 20.33 -13.00 -8.84
N ASN A 57 20.70 -14.16 -8.30
CA ASN A 57 21.44 -14.26 -7.05
C ASN A 57 20.72 -13.52 -5.92
N GLU A 58 19.47 -13.95 -5.72
CA GLU A 58 18.58 -13.51 -4.65
C GLU A 58 18.04 -14.73 -3.94
N VAL A 59 17.96 -14.66 -2.61
CA VAL A 59 17.37 -15.73 -1.82
C VAL A 59 16.35 -15.12 -0.87
N ASP A 60 15.23 -15.83 -0.67
CA ASP A 60 14.12 -15.40 0.16
C ASP A 60 14.10 -16.21 1.45
N LEU A 61 14.16 -15.51 2.58
CA LEU A 61 14.14 -16.10 3.91
C LEU A 61 12.85 -15.72 4.65
N VAL A 62 12.31 -16.66 5.41
CA VAL A 62 11.23 -16.37 6.36
C VAL A 62 11.73 -16.70 7.77
N TYR A 63 11.62 -15.73 8.69
CA TYR A 63 12.18 -15.83 10.03
C TYR A 63 11.40 -14.95 10.98
N TYR A 64 11.59 -15.20 12.28
CA TYR A 64 11.20 -14.30 13.35
C TYR A 64 12.44 -13.53 13.80
N GLU A 65 12.29 -12.24 14.01
CA GLU A 65 13.43 -11.43 14.44
C GLU A 65 13.11 -10.88 15.81
N GLN A 66 13.74 -11.43 16.84
CA GLN A 66 13.50 -10.95 18.19
C GLN A 66 14.32 -9.69 18.41
N GLN A 67 13.67 -8.65 18.93
CA GLN A 67 14.34 -7.41 19.33
C GLN A 67 13.97 -7.11 20.77
N ARG A 68 14.95 -6.67 21.55
CA ARG A 68 14.74 -6.37 22.97
C ARG A 68 15.62 -5.21 23.38
N TRP A 69 15.04 -4.25 24.07
CA TRP A 69 15.77 -3.10 24.59
C TRP A 69 15.06 -2.66 25.86
N LYS A 70 15.69 -1.75 26.60
CA LYS A 70 15.16 -1.35 27.89
C LYS A 70 15.24 0.17 28.01
N LEU A 71 14.18 0.81 28.49
CA LEU A 71 14.14 2.26 28.64
C LEU A 71 13.70 2.63 30.06
N ASN A 72 14.47 3.51 30.70
CA ASN A 72 14.05 4.09 31.97
C ASN A 72 12.63 4.63 31.90
N SER A 73 12.28 5.29 30.79
CA SER A 73 11.00 5.96 30.65
C SER A 73 9.82 5.01 30.59
N LEU A 74 10.05 3.70 30.49
CA LEU A 74 8.96 2.72 30.51
C LEU A 74 8.92 1.91 31.81
N MET A 75 9.68 2.34 32.82
CA MET A 75 9.70 1.66 34.10
C MET A 75 8.51 2.08 34.96
N TRP A 76 8.04 1.14 35.80
CA TRP A 76 7.02 1.46 36.79
C TRP A 76 7.05 0.41 37.89
N ASP A 77 6.59 0.83 39.07
CA ASP A 77 6.45 -0.02 40.22
C ASP A 77 5.12 -0.74 40.13
N PRO A 78 5.08 -2.07 39.99
CA PRO A 78 3.77 -2.75 39.96
C PRO A 78 2.92 -2.46 41.17
N ASN A 79 3.52 -2.07 42.30
CA ASN A 79 2.75 -1.80 43.50
C ASN A 79 1.86 -0.57 43.35
N GLU A 80 2.29 0.40 42.56
CA GLU A 80 1.48 1.57 42.28
C GLU A 80 0.41 1.33 41.22
N TYR A 81 0.37 0.16 40.59
CA TYR A 81 -0.51 -0.08 39.44
C TYR A 81 -1.15 -1.46 39.55
N GLY A 82 -1.68 -1.78 40.72
CA GLY A 82 -2.42 -3.01 40.93
C GLY A 82 -1.69 -4.27 40.54
N ASN A 83 -0.36 -4.28 40.71
CA ASN A 83 0.49 -5.45 40.47
C ASN A 83 0.52 -5.84 39.00
N ILE A 84 0.20 -4.92 38.10
CA ILE A 84 0.47 -5.12 36.69
C ILE A 84 1.98 -5.20 36.46
N THR A 85 2.43 -6.27 35.84
CA THR A 85 3.85 -6.44 35.55
C THR A 85 4.22 -6.22 34.08
N ASP A 86 3.25 -6.29 33.17
CA ASP A 86 3.53 -6.06 31.75
C ASP A 86 2.22 -5.73 31.05
N PHE A 87 2.34 -5.23 29.82
CA PHE A 87 1.19 -4.96 28.97
C PHE A 87 1.60 -5.04 27.51
N ARG A 88 0.60 -5.19 26.67
CA ARG A 88 0.78 -5.25 25.22
C ARG A 88 0.40 -3.90 24.61
N THR A 89 1.17 -3.48 23.62
CA THR A 89 0.86 -2.22 22.96
C THR A 89 1.28 -2.29 21.51
N SER A 90 0.60 -1.49 20.67
CA SER A 90 1.00 -1.38 19.27
C SER A 90 2.42 -0.83 19.15
N ALA A 91 3.19 -1.42 18.23
CA ALA A 91 4.57 -0.99 18.03
C ALA A 91 4.65 0.46 17.56
N ALA A 92 3.59 1.00 16.96
CA ALA A 92 3.53 2.42 16.61
C ALA A 92 3.30 3.33 17.81
N ASP A 93 3.02 2.79 18.99
CA ASP A 93 2.81 3.64 20.15
C ASP A 93 4.08 3.89 20.94
N ILE A 94 5.20 3.26 20.59
CA ILE A 94 6.45 3.42 21.32
C ILE A 94 7.58 3.62 20.30
N TRP A 95 8.69 4.16 20.80
CA TRP A 95 9.90 4.20 20.00
C TRP A 95 10.39 2.78 19.73
N THR A 96 10.82 2.53 18.48
CA THR A 96 11.38 1.24 18.11
C THR A 96 12.66 1.47 17.31
N PRO A 97 13.61 0.53 17.35
CA PRO A 97 14.88 0.76 16.67
C PRO A 97 14.77 0.56 15.16
N ASP A 98 15.58 1.32 14.43
CA ASP A 98 15.60 1.29 12.96
C ASP A 98 16.48 0.16 12.43
N ILE A 99 16.30 -1.04 12.96
CA ILE A 99 17.12 -2.19 12.57
C ILE A 99 16.78 -2.57 11.13
N THR A 100 17.81 -2.72 10.30
CA THR A 100 17.59 -2.87 8.87
C THR A 100 18.54 -3.91 8.30
N ALA A 101 18.08 -4.66 7.29
CA ALA A 101 18.99 -5.48 6.51
C ALA A 101 19.73 -4.59 5.52
N TYR A 102 21.05 -4.78 5.43
CA TYR A 102 21.91 -3.89 4.65
C TYR A 102 22.01 -4.28 3.18
N SER A 103 21.60 -5.48 2.83
CA SER A 103 21.74 -5.96 1.47
C SER A 103 20.45 -6.62 0.98
N SER A 104 19.29 -6.12 1.42
CA SER A 104 18.04 -6.62 0.86
C SER A 104 17.90 -6.16 -0.60
N THR A 105 17.10 -6.86 -1.37
CA THR A 105 16.81 -6.42 -2.72
C THR A 105 15.34 -6.14 -2.96
N ARG A 106 14.49 -6.33 -1.96
CA ARG A 106 13.09 -5.93 -2.00
C ARG A 106 12.74 -5.41 -0.62
N PRO A 107 11.72 -4.56 -0.50
CA PRO A 107 11.27 -4.15 0.83
C PRO A 107 10.87 -5.38 1.64
N VAL A 108 11.29 -5.42 2.90
CA VAL A 108 10.93 -6.54 3.77
C VAL A 108 9.42 -6.64 3.85
N GLN A 109 8.91 -7.86 3.91
CA GLN A 109 7.49 -8.09 4.11
C GLN A 109 7.23 -8.51 5.55
N VAL A 110 6.31 -7.84 6.22
CA VAL A 110 5.97 -8.14 7.61
C VAL A 110 4.83 -9.15 7.59
N LEU A 111 4.97 -10.22 8.38
CA LEU A 111 4.00 -11.32 8.39
C LEU A 111 3.21 -11.40 9.69
N SER A 112 3.51 -10.57 10.68
CA SER A 112 2.86 -10.66 11.98
C SER A 112 2.35 -9.28 12.38
N PRO A 113 1.39 -9.22 13.29
CA PRO A 113 0.96 -7.90 13.81
C PRO A 113 2.11 -7.15 14.48
N GLN A 114 2.05 -5.83 14.41
CA GLN A 114 3.13 -5.00 14.96
C GLN A 114 2.76 -4.60 16.39
N ILE A 115 2.99 -5.53 17.32
CA ILE A 115 2.60 -5.36 18.71
C ILE A 115 3.81 -5.74 19.59
N ALA A 116 4.08 -4.93 20.60
CA ALA A 116 5.18 -5.18 21.53
C ALA A 116 4.66 -5.50 22.93
N VAL A 117 5.53 -6.14 23.72
CA VAL A 117 5.31 -6.39 25.15
C VAL A 117 6.27 -5.54 25.96
N VAL A 118 5.73 -4.75 26.88
CA VAL A 118 6.49 -3.86 27.75
C VAL A 118 6.41 -4.40 29.16
N THR A 119 7.55 -4.40 29.85
CA THR A 119 7.62 -4.97 31.19
C THR A 119 8.01 -3.90 32.20
N HIS A 120 7.62 -4.12 33.46
CA HIS A 120 7.70 -3.07 34.48
C HIS A 120 9.13 -2.59 34.70
N ASP A 121 10.12 -3.43 34.44
CA ASP A 121 11.49 -2.94 34.49
C ASP A 121 11.84 -2.07 33.30
N GLY A 122 10.90 -1.79 32.41
CA GLY A 122 11.16 -0.95 31.25
C GLY A 122 11.60 -1.69 30.01
N SER A 123 11.69 -3.01 30.03
CA SER A 123 12.14 -3.72 28.85
C SER A 123 10.99 -3.87 27.86
N VAL A 124 11.34 -3.87 26.58
CA VAL A 124 10.41 -4.04 25.48
C VAL A 124 10.83 -5.28 24.71
N MET A 125 9.86 -6.12 24.38
CA MET A 125 10.07 -7.26 23.52
C MET A 125 9.16 -7.11 22.30
N PHE A 126 9.75 -7.21 21.11
CA PHE A 126 9.06 -6.99 19.84
C PHE A 126 9.62 -8.04 18.89
N ILE A 127 8.76 -8.85 18.30
CA ILE A 127 9.23 -9.99 17.51
C ILE A 127 8.50 -10.07 16.17
N PRO A 128 8.87 -9.27 15.17
CA PRO A 128 8.21 -9.38 13.86
C PRO A 128 8.65 -10.62 13.10
N ALA A 129 7.68 -11.32 12.52
CA ALA A 129 7.97 -12.32 11.49
C ALA A 129 8.09 -11.64 10.13
N GLN A 130 9.08 -12.06 9.34
CA GLN A 130 9.41 -11.32 8.14
C GLN A 130 9.77 -12.26 6.99
N ARG A 131 9.48 -11.81 5.77
CA ARG A 131 10.05 -12.42 4.57
C ARG A 131 10.97 -11.42 3.90
N LEU A 132 12.20 -11.85 3.63
CA LEU A 132 13.27 -10.99 3.15
C LEU A 132 13.92 -11.61 1.92
N SER A 133 13.98 -10.85 0.81
CA SER A 133 14.85 -11.18 -0.32
C SER A 133 16.18 -10.43 -0.15
N PHE A 134 17.30 -11.14 -0.25
CA PHE A 134 18.60 -10.49 -0.07
C PHE A 134 19.62 -11.10 -1.02
N MET A 135 20.76 -10.42 -1.14
CA MET A 135 21.79 -10.75 -2.13
C MET A 135 22.53 -12.01 -1.71
N CYS A 136 22.49 -13.04 -2.57
CA CYS A 136 23.03 -14.35 -2.21
C CYS A 136 23.25 -15.19 -3.46
N ASP A 137 24.45 -15.72 -3.62
CA ASP A 137 24.74 -16.56 -4.77
C ASP A 137 24.57 -18.03 -4.39
N PRO A 138 23.59 -18.73 -4.94
CA PRO A 138 23.32 -20.11 -4.46
C PRO A 138 24.11 -21.19 -5.18
N THR A 139 25.16 -20.82 -5.92
CA THR A 139 26.04 -21.81 -6.53
C THR A 139 26.55 -22.78 -5.48
N GLY A 140 26.37 -24.08 -5.72
CA GLY A 140 26.78 -25.10 -4.79
C GLY A 140 25.66 -25.67 -3.94
N VAL A 141 24.47 -25.07 -3.98
CA VAL A 141 23.34 -25.58 -3.23
C VAL A 141 22.99 -27.00 -3.69
N ASP A 142 23.35 -27.33 -4.92
CA ASP A 142 23.17 -28.64 -5.54
C ASP A 142 24.20 -29.67 -5.10
N SER A 143 25.05 -29.34 -4.14
CA SER A 143 26.16 -30.20 -3.75
C SER A 143 26.07 -30.54 -2.26
N GLU A 144 27.07 -31.26 -1.76
CA GLU A 144 27.05 -31.67 -0.36
C GLU A 144 27.58 -30.58 0.57
N GLU A 145 28.55 -29.79 0.11
CA GLU A 145 28.99 -28.66 0.93
C GLU A 145 27.96 -27.54 0.97
N GLY A 146 27.06 -27.48 -0.01
CA GLY A 146 26.02 -26.48 -0.06
C GLY A 146 26.57 -25.11 -0.42
N ALA A 147 25.68 -24.11 -0.34
CA ALA A 147 26.04 -22.72 -0.56
C ALA A 147 25.98 -21.95 0.76
N THR A 148 26.66 -20.82 0.79
CA THR A 148 26.78 -20.00 1.99
C THR A 148 26.44 -18.56 1.65
N CYS A 149 25.53 -17.95 2.41
CA CYS A 149 25.20 -16.55 2.20
C CYS A 149 25.14 -15.80 3.52
N ALA A 150 25.25 -14.48 3.43
CA ALA A 150 25.36 -13.62 4.60
C ALA A 150 24.58 -12.31 4.39
N VAL A 151 24.03 -11.78 5.47
CA VAL A 151 23.36 -10.49 5.42
C VAL A 151 23.46 -9.84 6.79
N LYS A 152 23.89 -8.57 6.80
CA LYS A 152 24.05 -7.75 8.01
C LYS A 152 22.75 -7.03 8.36
N PHE A 153 22.48 -6.95 9.66
CA PHE A 153 21.36 -6.22 10.22
C PHE A 153 21.91 -5.19 11.20
N GLY A 154 21.40 -3.97 11.14
CA GLY A 154 21.89 -2.95 12.04
C GLY A 154 21.07 -1.70 11.91
N SER A 155 21.31 -0.78 12.82
CA SER A 155 20.68 0.51 12.72
C SER A 155 21.06 1.16 11.39
N TRP A 156 20.13 1.93 10.83
CA TRP A 156 20.40 2.64 9.60
C TRP A 156 21.09 3.99 9.83
N VAL A 157 20.77 4.70 10.91
CA VAL A 157 21.34 6.03 11.14
C VAL A 157 22.08 6.16 12.47
N TYR A 158 22.08 5.15 13.33
CA TYR A 158 22.64 5.27 14.68
C TYR A 158 23.97 4.55 14.78
N SER A 159 24.95 5.20 15.40
CA SER A 159 26.25 4.62 15.61
C SER A 159 26.25 3.75 16.87
N GLY A 160 27.35 3.01 17.06
CA GLY A 160 27.53 2.24 18.27
C GLY A 160 27.54 3.06 19.55
N PHE A 161 27.78 4.36 19.47
CA PHE A 161 27.68 5.23 20.65
C PHE A 161 26.24 5.57 21.02
N GLU A 162 25.28 5.28 20.15
CA GLU A 162 23.88 5.51 20.46
C GLU A 162 23.10 4.22 20.62
N ILE A 163 23.36 3.24 19.76
CA ILE A 163 22.70 1.95 19.80
C ILE A 163 23.78 0.87 19.73
N ASP A 164 23.97 0.14 20.81
CA ASP A 164 24.80 -1.05 20.76
C ASP A 164 23.91 -2.24 20.44
N LEU A 165 24.46 -3.22 19.74
CA LEU A 165 23.75 -4.44 19.40
C LEU A 165 24.37 -5.64 20.10
N LYS A 166 23.54 -6.51 20.66
CA LYS A 166 24.01 -7.75 21.27
C LYS A 166 23.17 -8.90 20.73
N THR A 167 23.76 -10.08 20.70
CA THR A 167 23.01 -11.31 20.58
C THR A 167 23.13 -12.08 21.88
N ASP A 168 22.10 -12.83 22.22
CA ASP A 168 22.19 -13.67 23.40
C ASP A 168 22.96 -14.95 23.12
N THR A 169 23.00 -15.37 21.86
CA THR A 169 23.79 -16.51 21.43
C THR A 169 24.19 -16.26 19.98
N ASP A 170 25.25 -16.92 19.54
CA ASP A 170 25.63 -16.84 18.14
C ASP A 170 24.98 -17.93 17.30
N GLN A 171 24.18 -18.81 17.91
CA GLN A 171 23.57 -19.92 17.19
C GLN A 171 22.14 -19.51 16.82
N VAL A 172 21.87 -19.44 15.51
CA VAL A 172 20.54 -19.09 15.06
C VAL A 172 19.59 -20.19 15.50
N ASP A 173 18.48 -19.79 16.10
CA ASP A 173 17.45 -20.75 16.49
C ASP A 173 16.88 -21.49 15.27
N LEU A 174 17.20 -22.78 15.12
CA LEU A 174 16.69 -23.59 14.04
C LEU A 174 15.57 -24.53 14.48
N SER A 175 15.06 -24.38 15.70
CA SER A 175 14.09 -25.34 16.21
C SER A 175 12.72 -25.24 15.55
N SER A 176 12.47 -24.18 14.79
CA SER A 176 11.21 -24.07 14.07
C SER A 176 11.44 -24.09 12.57
N TYR A 177 12.60 -24.56 12.13
CA TYR A 177 12.85 -24.61 10.70
C TYR A 177 11.93 -25.64 10.06
N TYR A 178 11.35 -25.26 8.93
CA TYR A 178 10.36 -26.09 8.25
C TYR A 178 10.99 -27.38 7.74
N ALA A 179 10.49 -28.52 8.24
CA ALA A 179 11.12 -29.81 7.97
C ALA A 179 11.04 -30.24 6.52
N SER A 180 10.06 -29.75 5.75
CA SER A 180 9.94 -30.13 4.35
C SER A 180 10.27 -28.96 3.43
N SER A 181 11.10 -28.03 3.90
CA SER A 181 11.60 -26.99 3.02
C SER A 181 12.31 -27.62 1.83
N LYS A 182 12.35 -26.89 0.72
CA LYS A 182 13.17 -27.35 -0.38
C LYS A 182 14.65 -27.41 -0.01
N TYR A 183 15.04 -26.72 1.07
CA TYR A 183 16.43 -26.59 1.46
C TYR A 183 16.60 -26.95 2.92
N GLU A 184 17.68 -27.66 3.25
CA GLU A 184 18.03 -27.94 4.63
C GLU A 184 19.16 -27.02 5.07
N ILE A 185 19.22 -26.77 6.38
CA ILE A 185 20.17 -25.84 6.95
C ILE A 185 21.34 -26.65 7.48
N LEU A 186 22.52 -26.36 6.96
CA LEU A 186 23.73 -26.99 7.46
C LEU A 186 24.25 -26.27 8.70
N SER A 187 24.14 -24.94 8.72
CA SER A 187 24.46 -24.15 9.92
C SER A 187 23.96 -22.72 9.72
N ALA A 188 23.84 -22.01 10.83
CA ALA A 188 23.30 -20.65 10.78
C ALA A 188 23.77 -19.93 12.04
N THR A 189 24.50 -18.84 11.85
CA THR A 189 25.06 -18.08 12.96
C THR A 189 24.69 -16.60 12.83
N GLN A 190 24.74 -15.92 13.96
CA GLN A 190 24.40 -14.51 14.06
C GLN A 190 25.51 -13.87 14.90
N THR A 191 26.33 -13.01 14.29
CA THR A 191 27.56 -12.57 14.92
C THR A 191 27.60 -11.05 14.97
N ARG A 192 27.75 -10.50 16.17
CA ARG A 192 27.96 -9.07 16.32
C ARG A 192 29.28 -8.65 15.69
N GLN A 193 29.24 -7.56 14.94
CA GLN A 193 30.42 -7.03 14.29
C GLN A 193 30.58 -5.57 14.70
N VAL A 194 31.81 -5.16 14.93
CA VAL A 194 32.18 -3.76 15.12
C VAL A 194 32.87 -3.28 13.86
N GLN A 195 32.36 -2.19 13.30
CA GLN A 195 32.66 -1.73 11.94
C GLN A 195 33.22 -0.32 12.04
N HIS A 196 34.43 -0.09 11.50
CA HIS A 196 35.03 1.24 11.51
C HIS A 196 35.06 1.83 10.11
N TYR A 197 34.53 3.05 9.99
CA TYR A 197 34.41 3.73 8.72
C TYR A 197 35.28 4.98 8.78
N SER A 198 36.05 5.22 7.71
CA SER A 198 36.96 6.36 7.72
C SER A 198 36.23 7.70 7.82
N CYS A 199 34.91 7.72 7.59
CA CYS A 199 34.13 8.95 7.69
C CYS A 199 34.02 9.47 9.11
N CYS A 200 34.18 8.61 10.11
CA CYS A 200 33.49 8.84 11.36
C CYS A 200 34.26 8.29 12.54
N PRO A 201 34.44 9.06 13.61
CA PRO A 201 35.15 8.53 14.79
C PRO A 201 34.36 7.49 15.58
N GLU A 202 33.05 7.39 15.38
CA GLU A 202 32.26 6.45 16.16
C GLU A 202 32.22 5.10 15.46
N PRO A 203 32.32 4.01 16.21
CA PRO A 203 32.14 2.68 15.62
C PRO A 203 30.67 2.42 15.28
N TYR A 204 30.45 1.61 14.26
CA TYR A 204 29.14 1.15 13.86
C TYR A 204 29.01 -0.34 14.14
N ILE A 205 27.80 -0.77 14.52
CA ILE A 205 27.55 -2.15 14.95
C ILE A 205 26.51 -2.80 14.05
N ASP A 206 26.74 -4.06 13.71
CA ASP A 206 25.75 -4.85 13.00
C ASP A 206 25.81 -6.29 13.52
N VAL A 207 24.79 -7.07 13.19
CA VAL A 207 24.77 -8.50 13.48
C VAL A 207 24.76 -9.21 12.14
N ASN A 208 25.74 -10.09 11.92
CA ASN A 208 25.92 -10.75 10.63
C ASN A 208 25.24 -12.13 10.67
N LEU A 209 24.26 -12.32 9.80
CA LEU A 209 23.55 -13.59 9.68
C LEU A 209 24.20 -14.40 8.57
N VAL A 210 24.74 -15.57 8.91
CA VAL A 210 25.45 -16.41 7.96
C VAL A 210 24.76 -17.76 7.91
N VAL A 211 24.31 -18.15 6.72
CA VAL A 211 23.54 -19.38 6.54
C VAL A 211 24.17 -20.23 5.45
N LYS A 212 24.47 -21.49 5.77
CA LYS A 212 24.93 -22.47 4.79
C LYS A 212 23.82 -23.49 4.59
N PHE A 213 23.48 -23.75 3.34
CA PHE A 213 22.30 -24.57 3.08
C PHE A 213 22.50 -25.33 1.79
N ARG A 214 21.61 -26.28 1.54
CA ARG A 214 21.67 -27.08 0.34
C ARG A 214 20.32 -27.74 0.12
N GLU A 215 20.10 -28.16 -1.14
CA GLU A 215 18.87 -28.83 -1.54
C GLU A 215 18.64 -30.08 -0.72
N TYR B 2 -43.29 12.82 6.68
CA TYR B 2 -42.83 13.70 7.76
C TYR B 2 -42.74 12.95 9.07
N LYS B 3 -43.83 12.27 9.44
CA LYS B 3 -43.76 11.34 10.56
C LYS B 3 -42.82 10.18 10.23
N ASP B 4 -42.90 9.65 9.00
CA ASP B 4 -41.98 8.61 8.56
C ASP B 4 -40.53 9.09 8.64
N ASP B 5 -40.26 10.27 8.08
CA ASP B 5 -38.94 10.89 8.19
C ASP B 5 -38.49 10.97 9.65
N ASP B 6 -39.40 11.39 10.54
CA ASP B 6 -39.05 11.54 11.94
C ASP B 6 -38.80 10.18 12.61
N ASP B 7 -39.56 9.15 12.22
CA ASP B 7 -39.30 7.79 12.73
C ASP B 7 -37.90 7.33 12.35
N LYS B 8 -37.53 7.52 11.09
CA LYS B 8 -36.20 7.14 10.61
C LYS B 8 -35.11 7.86 11.40
N LEU B 9 -35.23 9.18 11.57
CA LEU B 9 -34.24 9.90 12.33
C LEU B 9 -34.20 9.44 13.78
N HIS B 10 -35.37 9.04 14.31
CA HIS B 10 -35.45 8.52 15.67
C HIS B 10 -34.62 7.23 15.81
N SER B 11 -34.78 6.29 14.89
CA SER B 11 -33.97 5.06 14.99
C SER B 11 -32.49 5.35 14.75
N GLN B 12 -32.19 6.26 13.82
CA GLN B 12 -30.80 6.66 13.62
C GLN B 12 -30.20 7.24 14.89
N ALA B 13 -30.94 8.14 15.55
CA ALA B 13 -30.48 8.73 16.81
C ALA B 13 -30.24 7.65 17.87
N ASN B 14 -31.13 6.67 17.97
CA ASN B 14 -30.97 5.63 18.99
C ASN B 14 -29.70 4.81 18.73
N LEU B 15 -29.44 4.45 17.47
CA LEU B 15 -28.23 3.70 17.16
C LEU B 15 -26.98 4.56 17.40
N MET B 16 -27.01 5.83 16.96
CA MET B 16 -25.88 6.72 17.23
C MET B 16 -25.65 6.89 18.72
N ARG B 17 -26.73 6.92 19.51
CA ARG B 17 -26.59 7.03 20.96
C ARG B 17 -25.95 5.78 21.54
N LEU B 18 -26.37 4.61 21.05
CA LEU B 18 -25.77 3.36 21.49
C LEU B 18 -24.27 3.33 21.18
N LYS B 19 -23.89 3.60 19.93
CA LYS B 19 -22.48 3.51 19.58
C LYS B 19 -21.67 4.57 20.31
N SER B 20 -22.21 5.78 20.47
CA SER B 20 -21.50 6.80 21.23
C SER B 20 -21.34 6.37 22.68
N ASP B 21 -22.39 5.80 23.28
CA ASP B 21 -22.29 5.33 24.66
C ASP B 21 -21.22 4.25 24.80
N LEU B 22 -21.19 3.28 23.89
CA LEU B 22 -20.17 2.24 23.98
C LEU B 22 -18.77 2.77 23.72
N PHE B 23 -18.60 3.79 22.87
CA PHE B 23 -17.23 4.23 22.53
C PHE B 23 -16.68 5.41 23.34
N PRO B 27 -13.99 3.74 31.39
CA PRO B 27 -12.68 3.08 31.23
C PRO B 27 -12.61 2.24 29.96
N MET B 28 -11.77 2.66 29.03
CA MET B 28 -11.68 1.98 27.74
C MET B 28 -11.10 0.58 27.90
N TYR B 29 -11.62 -0.36 27.12
CA TYR B 29 -11.13 -1.74 27.09
C TYR B 29 -9.69 -1.76 26.59
N PRO B 30 -8.74 -2.25 27.38
CA PRO B 30 -7.33 -2.21 26.96
C PRO B 30 -6.84 -3.54 26.41
N GLY B 31 -7.74 -4.38 25.94
CA GLY B 31 -7.37 -5.73 25.56
C GLY B 31 -7.37 -6.64 26.78
N PRO B 32 -7.27 -7.94 26.56
CA PRO B 32 -7.29 -8.89 27.68
C PRO B 32 -5.98 -8.91 28.44
N THR B 33 -6.04 -9.46 29.66
CA THR B 33 -4.90 -9.56 30.59
C THR B 33 -5.10 -10.78 31.47
N LYS B 34 -4.08 -11.09 32.28
CA LYS B 34 -4.20 -12.25 33.16
C LYS B 34 -5.31 -12.05 34.20
N ASP B 35 -5.58 -10.82 34.59
CA ASP B 35 -6.69 -10.55 35.50
C ASP B 35 -8.05 -10.60 34.82
N ASP B 36 -8.09 -10.32 33.52
CA ASP B 36 -9.36 -10.22 32.80
C ASP B 36 -9.23 -10.97 31.49
N PRO B 37 -9.02 -12.28 31.55
CA PRO B 37 -8.72 -13.03 30.33
C PRO B 37 -9.94 -13.12 29.41
N LEU B 38 -9.72 -13.64 28.21
CA LEU B 38 -10.75 -13.67 27.18
C LEU B 38 -10.66 -14.97 26.40
N THR B 39 -11.81 -15.56 26.10
CA THR B 39 -11.90 -16.71 25.23
C THR B 39 -12.24 -16.24 23.82
N VAL B 40 -11.50 -16.72 22.83
CA VAL B 40 -11.78 -16.41 21.44
C VAL B 40 -12.07 -17.72 20.73
N THR B 41 -13.24 -17.81 20.11
CA THR B 41 -13.57 -18.99 19.34
C THR B 41 -13.25 -18.77 17.86
N LEU B 42 -12.64 -19.78 17.27
CA LEU B 42 -12.09 -19.73 15.92
C LEU B 42 -12.70 -20.88 15.13
N GLY B 43 -13.19 -20.59 13.93
CA GLY B 43 -13.58 -21.65 13.00
C GLY B 43 -13.27 -21.24 11.57
N PHE B 44 -12.92 -22.22 10.76
CA PHE B 44 -12.54 -21.95 9.38
C PHE B 44 -13.58 -22.49 8.41
N THR B 45 -13.88 -21.68 7.40
CA THR B 45 -14.69 -22.06 6.24
C THR B 45 -13.76 -22.03 5.03
N LEU B 46 -13.35 -23.19 4.54
CA LEU B 46 -12.44 -23.25 3.43
CA LEU B 46 -12.44 -23.24 3.42
C LEU B 46 -13.19 -23.05 2.11
N GLN B 47 -12.76 -22.06 1.32
CA GLN B 47 -13.37 -21.79 0.03
C GLN B 47 -12.62 -22.43 -1.13
N ASP B 48 -11.30 -22.45 -1.08
CA ASP B 48 -10.59 -22.85 -2.29
C ASP B 48 -9.12 -23.03 -1.97
N ILE B 49 -8.53 -24.07 -2.54
CA ILE B 49 -7.09 -24.16 -2.65
C ILE B 49 -6.78 -23.67 -4.04
N VAL B 50 -6.14 -22.51 -4.13
CA VAL B 50 -5.94 -21.87 -5.42
C VAL B 50 -4.75 -22.47 -6.14
N LYS B 51 -3.65 -22.67 -5.42
CA LYS B 51 -2.35 -22.95 -6.01
C LYS B 51 -1.49 -23.74 -5.03
N ALA B 52 -0.81 -24.76 -5.54
CA ALA B 52 0.19 -25.50 -4.78
C ALA B 52 1.48 -25.43 -5.58
N ASP B 53 2.52 -24.88 -4.99
CA ASP B 53 3.75 -24.58 -5.73
C ASP B 53 4.81 -25.56 -5.24
N SER B 54 5.10 -26.56 -6.06
CA SER B 54 6.06 -27.58 -5.64
C SER B 54 7.49 -27.11 -5.82
N SER B 55 7.73 -26.03 -6.55
CA SER B 55 9.09 -25.50 -6.62
C SER B 55 9.50 -24.73 -5.37
N THR B 56 8.54 -24.22 -4.58
CA THR B 56 8.85 -23.50 -3.36
C THR B 56 8.19 -24.07 -2.12
N ASN B 57 7.37 -25.12 -2.26
CA ASN B 57 6.58 -25.67 -1.17
C ASN B 57 5.79 -24.57 -0.46
N GLU B 58 4.98 -23.86 -1.25
CA GLU B 58 3.99 -22.93 -0.75
C GLU B 58 2.64 -23.27 -1.35
N VAL B 59 1.59 -23.21 -0.54
CA VAL B 59 0.26 -23.46 -1.03
C VAL B 59 -0.61 -22.27 -0.64
N ASP B 60 -1.57 -21.94 -1.50
CA ASP B 60 -2.40 -20.75 -1.34
C ASP B 60 -3.84 -21.17 -1.04
N LEU B 61 -4.36 -20.71 0.08
CA LEU B 61 -5.72 -20.99 0.53
C LEU B 61 -6.55 -19.71 0.52
N VAL B 62 -7.80 -19.82 0.08
CA VAL B 62 -8.82 -18.81 0.32
C VAL B 62 -9.81 -19.39 1.32
N TYR B 63 -10.13 -18.62 2.37
CA TYR B 63 -10.99 -19.08 3.44
C TYR B 63 -11.63 -17.87 4.13
N TYR B 64 -12.75 -18.13 4.82
CA TYR B 64 -13.31 -17.25 5.82
C TYR B 64 -12.80 -17.69 7.17
N GLU B 65 -12.31 -16.75 7.98
CA GLU B 65 -11.89 -17.05 9.34
C GLU B 65 -12.89 -16.46 10.33
N GLN B 66 -13.72 -17.32 10.92
CA GLN B 66 -14.71 -16.84 11.89
C GLN B 66 -14.03 -16.62 13.23
N GLN B 67 -14.27 -15.46 13.84
CA GLN B 67 -13.75 -15.15 15.16
C GLN B 67 -14.89 -14.65 16.02
N ARG B 68 -14.96 -15.14 17.26
CA ARG B 68 -16.02 -14.72 18.17
C ARG B 68 -15.46 -14.61 19.57
N TRP B 69 -15.89 -13.56 20.26
CA TRP B 69 -15.54 -13.32 21.64
C TRP B 69 -16.65 -12.47 22.23
N LYS B 70 -16.60 -12.27 23.54
CA LYS B 70 -17.67 -11.58 24.24
C LYS B 70 -17.04 -10.66 25.27
N LEU B 71 -17.48 -9.39 25.30
CA LEU B 71 -16.96 -8.41 26.23
C LEU B 71 -18.11 -7.87 27.06
N ASN B 72 -17.91 -7.82 28.39
CA ASN B 72 -18.84 -7.08 29.23
C ASN B 72 -18.96 -5.63 28.79
N SER B 73 -17.83 -5.02 28.37
CA SER B 73 -17.87 -3.61 28.03
C SER B 73 -18.63 -3.33 26.74
N LEU B 74 -19.15 -4.34 26.04
CA LEU B 74 -19.98 -4.14 24.86
C LEU B 74 -21.43 -4.55 25.10
N MET B 75 -21.82 -4.80 26.35
CA MET B 75 -23.21 -5.14 26.64
C MET B 75 -24.10 -3.89 26.69
N TRP B 76 -25.38 -4.10 26.41
CA TRP B 76 -26.36 -3.04 26.65
C TRP B 76 -27.73 -3.68 26.78
N ASP B 77 -28.64 -2.92 27.40
CA ASP B 77 -30.02 -3.35 27.51
C ASP B 77 -30.78 -2.80 26.32
N PRO B 78 -31.31 -3.63 25.43
CA PRO B 78 -32.03 -3.08 24.27
C PRO B 78 -33.16 -2.13 24.64
N ASN B 79 -33.78 -2.32 25.82
CA ASN B 79 -34.85 -1.43 26.24
C ASN B 79 -34.38 0.01 26.38
N GLU B 80 -33.11 0.24 26.70
CA GLU B 80 -32.59 1.60 26.86
C GLU B 80 -32.18 2.24 25.55
N TYR B 81 -32.24 1.51 24.43
CA TYR B 81 -31.73 1.97 23.15
C TYR B 81 -32.71 1.56 22.05
N GLY B 82 -33.99 1.87 22.26
CA GLY B 82 -34.97 1.69 21.21
C GLY B 82 -35.09 0.28 20.69
N ASN B 83 -34.83 -0.73 21.54
CA ASN B 83 -34.97 -2.14 21.21
C ASN B 83 -33.94 -2.62 20.19
N ILE B 84 -32.85 -1.88 20.02
CA ILE B 84 -31.74 -2.33 19.20
C ILE B 84 -31.06 -3.52 19.87
N THR B 85 -30.91 -4.63 19.14
CA THR B 85 -30.30 -5.83 19.69
C THR B 85 -28.90 -6.12 19.14
N ASP B 86 -28.49 -5.51 18.03
CA ASP B 86 -27.15 -5.69 17.46
C ASP B 86 -26.85 -4.55 16.49
N PHE B 87 -25.57 -4.33 16.20
CA PHE B 87 -25.18 -3.36 15.18
C PHE B 87 -23.92 -3.79 14.46
N ARG B 88 -23.69 -3.16 13.31
CA ARG B 88 -22.48 -3.36 12.51
C ARG B 88 -21.52 -2.21 12.72
N THR B 89 -20.24 -2.52 12.78
CA THR B 89 -19.26 -1.46 12.92
C THR B 89 -17.96 -1.93 12.30
N SER B 90 -17.22 -0.96 11.77
CA SER B 90 -15.90 -1.25 11.22
C SER B 90 -15.05 -1.93 12.28
N ALA B 91 -14.31 -2.96 11.87
CA ALA B 91 -13.43 -3.68 12.77
C ALA B 91 -12.32 -2.82 13.34
N ALA B 92 -12.04 -1.66 12.74
CA ALA B 92 -11.06 -0.75 13.31
C ALA B 92 -11.58 0.02 14.51
N ASP B 93 -12.91 0.04 14.71
CA ASP B 93 -13.47 0.80 15.82
C ASP B 93 -13.43 0.04 17.14
N ILE B 94 -13.14 -1.26 17.13
CA ILE B 94 -13.13 -2.05 18.34
C ILE B 94 -11.81 -2.80 18.44
N TRP B 95 -11.53 -3.29 19.65
CA TRP B 95 -10.43 -4.22 19.82
C TRP B 95 -10.77 -5.53 19.11
N THR B 96 -9.79 -6.10 18.43
CA THR B 96 -9.92 -7.38 17.75
C THR B 96 -8.69 -8.17 18.12
N PRO B 97 -8.78 -9.50 18.15
CA PRO B 97 -7.62 -10.31 18.53
C PRO B 97 -6.59 -10.40 17.41
N ASP B 98 -5.34 -10.54 17.82
CA ASP B 98 -4.19 -10.62 16.91
C ASP B 98 -3.89 -12.04 16.44
N ILE B 99 -4.93 -12.76 15.97
CA ILE B 99 -4.76 -14.15 15.56
C ILE B 99 -3.96 -14.21 14.26
N THR B 100 -2.89 -15.01 14.25
CA THR B 100 -1.94 -14.97 13.15
C THR B 100 -1.56 -16.37 12.72
N ALA B 101 -1.38 -16.57 11.41
CA ALA B 101 -0.82 -17.82 10.90
C ALA B 101 0.67 -17.89 11.23
N TYR B 102 1.12 -19.03 11.77
CA TYR B 102 2.48 -19.13 12.28
C TYR B 102 3.51 -19.42 11.20
N SER B 103 3.10 -19.88 10.03
CA SER B 103 4.05 -20.30 9.01
C SER B 103 3.64 -19.77 7.65
N SER B 104 3.06 -18.58 7.61
CA SER B 104 2.80 -17.94 6.33
C SER B 104 4.13 -17.58 5.65
N THR B 105 4.07 -17.43 4.34
CA THR B 105 5.24 -17.02 3.59
C THR B 105 5.05 -15.69 2.88
N ARG B 106 3.85 -15.13 2.91
CA ARG B 106 3.53 -13.82 2.36
C ARG B 106 2.54 -13.17 3.30
N PRO B 107 2.47 -11.84 3.32
CA PRO B 107 1.43 -11.16 4.11
C PRO B 107 0.05 -11.63 3.67
N VAL B 108 -0.82 -11.88 4.66
CA VAL B 108 -2.18 -12.30 4.35
C VAL B 108 -2.85 -11.21 3.53
N GLN B 109 -3.69 -11.61 2.60
CA GLN B 109 -4.45 -10.67 1.79
C GLN B 109 -5.92 -10.72 2.21
N VAL B 110 -6.47 -9.57 2.53
CA VAL B 110 -7.88 -9.49 2.95
C VAL B 110 -8.73 -9.29 1.71
N LEU B 111 -9.81 -10.06 1.61
CA LEU B 111 -10.67 -10.09 0.43
C LEU B 111 -12.02 -9.47 0.68
N SER B 112 -12.33 -9.08 1.91
CA SER B 112 -13.67 -8.64 2.28
C SER B 112 -13.58 -7.37 3.10
N PRO B 113 -14.68 -6.65 3.25
CA PRO B 113 -14.69 -5.52 4.19
C PRO B 113 -14.40 -6.03 5.61
N GLN B 114 -13.88 -5.14 6.44
CA GLN B 114 -13.49 -5.47 7.80
C GLN B 114 -14.56 -4.92 8.74
N ILE B 115 -15.64 -5.67 8.90
CA ILE B 115 -16.81 -5.20 9.65
C ILE B 115 -17.25 -6.26 10.63
N ALA B 116 -17.50 -5.86 11.88
CA ALA B 116 -17.91 -6.78 12.93
C ALA B 116 -19.38 -6.59 13.26
N VAL B 117 -20.01 -7.64 13.78
CA VAL B 117 -21.38 -7.60 14.28
C VAL B 117 -21.35 -7.74 15.79
N VAL B 118 -21.80 -6.70 16.48
CA VAL B 118 -21.84 -6.64 17.95
C VAL B 118 -23.29 -6.82 18.40
N THR B 119 -23.51 -7.75 19.32
CA THR B 119 -24.83 -8.13 19.81
C THR B 119 -24.95 -7.69 21.28
N HIS B 120 -26.18 -7.37 21.69
CA HIS B 120 -26.43 -6.70 22.97
C HIS B 120 -25.92 -7.46 24.19
N ASP B 121 -25.65 -8.77 24.08
CA ASP B 121 -25.02 -9.46 25.18
C ASP B 121 -23.51 -9.25 25.22
N GLY B 122 -22.95 -8.45 24.32
CA GLY B 122 -21.52 -8.22 24.29
C GLY B 122 -20.74 -9.14 23.37
N SER B 123 -21.41 -10.04 22.66
CA SER B 123 -20.71 -10.96 21.79
C SER B 123 -20.41 -10.29 20.45
N VAL B 124 -19.20 -10.51 19.96
CA VAL B 124 -18.75 -9.94 18.70
C VAL B 124 -18.52 -11.08 17.73
N MET B 125 -18.92 -10.88 16.48
CA MET B 125 -18.66 -11.83 15.42
C MET B 125 -17.95 -11.10 14.29
N PHE B 126 -16.81 -11.65 13.88
CA PHE B 126 -15.95 -11.00 12.90
C PHE B 126 -15.48 -12.09 11.95
N ILE B 127 -15.88 -11.98 10.69
CA ILE B 127 -15.62 -13.06 9.71
C ILE B 127 -14.93 -12.50 8.47
N PRO B 128 -13.62 -12.23 8.50
CA PRO B 128 -12.93 -11.76 7.28
C PRO B 128 -12.60 -12.90 6.33
N ALA B 129 -12.78 -12.66 5.03
CA ALA B 129 -12.23 -13.56 4.03
C ALA B 129 -10.75 -13.24 3.75
N GLN B 130 -9.95 -14.27 3.53
CA GLN B 130 -8.50 -14.06 3.45
C GLN B 130 -7.91 -15.00 2.42
N ARG B 131 -6.81 -14.57 1.81
CA ARG B 131 -5.96 -15.46 1.04
C ARG B 131 -4.61 -15.59 1.73
N LEU B 132 -4.15 -16.82 1.89
CA LEU B 132 -2.95 -17.11 2.67
C LEU B 132 -2.05 -18.05 1.88
N SER B 133 -0.78 -17.69 1.78
CA SER B 133 0.27 -18.58 1.32
C SER B 133 0.99 -19.07 2.55
N PHE B 134 1.22 -20.37 2.63
CA PHE B 134 1.90 -20.91 3.81
C PHE B 134 2.70 -22.15 3.41
N MET B 135 3.59 -22.56 4.30
CA MET B 135 4.58 -23.58 3.99
C MET B 135 3.89 -24.94 3.89
N CYS B 136 4.06 -25.61 2.75
CA CYS B 136 3.32 -26.84 2.49
C CYS B 136 3.94 -27.59 1.33
N ASP B 137 4.27 -28.87 1.57
CA ASP B 137 4.90 -29.72 0.57
C ASP B 137 3.81 -30.48 -0.18
N PRO B 138 3.57 -30.19 -1.45
CA PRO B 138 2.45 -30.85 -2.14
C PRO B 138 2.80 -32.19 -2.75
N THR B 139 3.91 -32.80 -2.34
CA THR B 139 4.27 -34.14 -2.83
C THR B 139 3.16 -35.13 -2.48
N GLY B 140 2.65 -35.80 -3.51
CA GLY B 140 1.55 -36.74 -3.35
C GLY B 140 0.22 -36.21 -3.82
N VAL B 141 0.14 -34.91 -4.12
CA VAL B 141 -1.12 -34.31 -4.52
C VAL B 141 -1.61 -34.92 -5.83
N ASP B 142 -0.68 -35.33 -6.70
CA ASP B 142 -0.97 -36.02 -7.95
C ASP B 142 -1.23 -37.51 -7.74
N SER B 143 -1.66 -37.91 -6.55
CA SER B 143 -1.94 -39.31 -6.26
C SER B 143 -3.34 -39.42 -5.67
N GLU B 144 -3.79 -40.65 -5.44
CA GLU B 144 -5.11 -40.85 -4.87
C GLU B 144 -5.12 -40.56 -3.37
N GLU B 145 -4.00 -40.81 -2.70
CA GLU B 145 -3.90 -40.54 -1.27
C GLU B 145 -3.72 -39.05 -0.96
N GLY B 146 -3.24 -38.27 -1.92
CA GLY B 146 -3.17 -36.83 -1.78
C GLY B 146 -1.93 -36.35 -1.07
N ALA B 147 -1.97 -35.07 -0.70
CA ALA B 147 -0.94 -34.46 0.14
C ALA B 147 -1.62 -33.90 1.38
N THR B 148 -0.86 -33.83 2.47
CA THR B 148 -1.38 -33.29 3.73
C THR B 148 -0.50 -32.14 4.17
N CYS B 149 -1.14 -31.03 4.55
CA CYS B 149 -0.41 -29.86 5.04
C CYS B 149 -1.11 -29.29 6.27
N ALA B 150 -0.35 -28.52 7.05
CA ALA B 150 -0.82 -27.99 8.31
C ALA B 150 -0.31 -26.57 8.51
N VAL B 151 -1.10 -25.76 9.22
CA VAL B 151 -0.64 -24.44 9.65
C VAL B 151 -1.35 -24.09 10.95
N LYS B 152 -0.56 -23.64 11.94
CA LYS B 152 -1.07 -23.20 13.23
C LYS B 152 -1.48 -21.71 13.20
N PHE B 153 -2.59 -21.41 13.87
CA PHE B 153 -3.09 -20.06 14.08
C PHE B 153 -3.12 -19.77 15.57
N GLY B 154 -2.67 -18.59 15.96
CA GLY B 154 -2.73 -18.21 17.37
C GLY B 154 -2.41 -16.76 17.56
N SER B 155 -2.64 -16.28 18.77
CA SER B 155 -2.29 -14.91 19.11
C SER B 155 -0.78 -14.72 18.98
N TRP B 156 -0.36 -13.57 18.47
CA TRP B 156 1.06 -13.33 18.34
C TRP B 156 1.69 -12.99 19.69
N VAL B 157 1.01 -12.23 20.54
CA VAL B 157 1.62 -11.67 21.74
C VAL B 157 0.89 -12.03 23.02
N TYR B 158 -0.24 -12.72 22.96
CA TYR B 158 -0.95 -13.10 24.18
C TYR B 158 -0.80 -14.60 24.43
N SER B 159 -0.44 -14.96 25.66
CA SER B 159 -0.36 -16.35 26.08
C SER B 159 -1.76 -16.84 26.46
N GLY B 160 -1.84 -18.13 26.78
CA GLY B 160 -3.10 -18.73 27.19
C GLY B 160 -3.67 -18.14 28.47
N PHE B 161 -2.86 -17.41 29.24
CA PHE B 161 -3.36 -16.72 30.43
C PHE B 161 -4.14 -15.46 30.10
N GLU B 162 -4.03 -14.97 28.86
CA GLU B 162 -4.70 -13.76 28.42
C GLU B 162 -5.77 -14.07 27.39
N ILE B 163 -5.44 -14.90 26.40
CA ILE B 163 -6.39 -15.36 25.40
C ILE B 163 -6.43 -16.88 25.43
N ASP B 164 -7.58 -17.41 25.81
CA ASP B 164 -7.85 -18.82 25.59
C ASP B 164 -8.47 -18.95 24.21
N LEU B 165 -7.87 -19.78 23.38
CA LEU B 165 -8.30 -19.99 22.01
C LEU B 165 -9.02 -21.32 21.94
N LYS B 166 -10.22 -21.34 21.35
CA LYS B 166 -11.05 -22.54 21.34
C LYS B 166 -11.58 -22.78 19.93
N THR B 167 -12.01 -24.02 19.68
CA THR B 167 -12.91 -24.29 18.57
C THR B 167 -14.23 -24.80 19.12
N ASP B 168 -15.25 -24.73 18.26
CA ASP B 168 -16.56 -25.30 18.50
C ASP B 168 -16.67 -26.72 17.95
N THR B 169 -15.77 -27.09 17.06
CA THR B 169 -15.84 -28.36 16.36
C THR B 169 -14.49 -28.59 15.68
N ASP B 170 -14.11 -29.85 15.50
CA ASP B 170 -12.89 -30.17 14.76
C ASP B 170 -13.10 -30.04 13.26
N GLN B 171 -14.33 -29.92 12.81
CA GLN B 171 -14.66 -30.07 11.40
C GLN B 171 -14.63 -28.70 10.69
N VAL B 172 -13.65 -28.51 9.82
CA VAL B 172 -13.61 -27.30 9.03
C VAL B 172 -14.79 -27.26 8.08
N ASP B 173 -15.51 -26.14 8.06
CA ASP B 173 -16.68 -26.05 7.19
C ASP B 173 -16.24 -26.08 5.73
N LEU B 174 -16.69 -27.10 5.01
CA LEU B 174 -16.39 -27.28 3.60
C LEU B 174 -17.63 -27.08 2.73
N SER B 175 -18.74 -26.61 3.31
CA SER B 175 -19.96 -26.53 2.53
C SER B 175 -19.92 -25.39 1.51
N SER B 176 -18.94 -24.50 1.57
CA SER B 176 -18.75 -23.49 0.55
C SER B 176 -17.52 -23.73 -0.30
N TYR B 177 -16.91 -24.92 -0.22
CA TYR B 177 -15.71 -25.17 -1.00
C TYR B 177 -16.01 -25.14 -2.50
N TYR B 178 -15.09 -24.57 -3.28
CA TYR B 178 -15.34 -24.33 -4.69
C TYR B 178 -15.36 -25.67 -5.45
N ALA B 179 -16.54 -26.05 -5.95
CA ALA B 179 -16.71 -27.38 -6.55
C ALA B 179 -15.84 -27.61 -7.78
N SER B 180 -15.36 -26.56 -8.44
CA SER B 180 -14.52 -26.75 -9.61
C SER B 180 -13.07 -26.34 -9.36
N SER B 181 -12.65 -26.40 -8.10
CA SER B 181 -11.26 -26.14 -7.75
C SER B 181 -10.33 -27.09 -8.48
N LYS B 182 -9.10 -26.64 -8.74
CA LYS B 182 -8.07 -27.57 -9.19
C LYS B 182 -7.78 -28.65 -8.15
N TYR B 183 -8.15 -28.44 -6.89
CA TYR B 183 -7.86 -29.40 -5.84
C TYR B 183 -9.12 -29.75 -5.06
N GLU B 184 -9.35 -31.03 -4.84
CA GLU B 184 -10.45 -31.43 -3.99
C GLU B 184 -9.93 -31.78 -2.60
N ILE B 185 -10.74 -31.51 -1.60
CA ILE B 185 -10.36 -31.68 -0.21
C ILE B 185 -10.73 -33.08 0.22
N LEU B 186 -9.77 -33.80 0.80
CA LEU B 186 -10.05 -35.13 1.34
C LEU B 186 -10.45 -35.06 2.82
N SER B 187 -9.79 -34.21 3.59
CA SER B 187 -10.32 -33.83 4.90
C SER B 187 -9.66 -32.53 5.33
N ALA B 188 -10.28 -31.90 6.32
CA ALA B 188 -9.79 -30.64 6.85
C ALA B 188 -10.25 -30.56 8.29
N THR B 189 -9.30 -30.44 9.22
CA THR B 189 -9.62 -30.35 10.64
C THR B 189 -8.95 -29.13 11.25
N GLN B 190 -9.53 -28.70 12.37
CA GLN B 190 -9.08 -27.53 13.14
C GLN B 190 -9.08 -27.96 14.60
N THR B 191 -7.90 -28.00 15.23
CA THR B 191 -7.75 -28.60 16.55
C THR B 191 -6.93 -27.70 17.45
N ARG B 192 -7.49 -27.38 18.62
CA ARG B 192 -6.77 -26.64 19.65
C ARG B 192 -5.56 -27.41 20.18
N GLN B 193 -4.41 -26.73 20.25
CA GLN B 193 -3.18 -27.29 20.81
C GLN B 193 -2.66 -26.42 21.95
N VAL B 194 -2.22 -27.06 23.02
CA VAL B 194 -1.58 -26.38 24.15
C VAL B 194 -0.12 -26.80 24.18
N GLN B 195 0.78 -25.84 24.05
CA GLN B 195 2.20 -26.07 24.25
C GLN B 195 2.62 -25.50 25.59
N HIS B 196 3.49 -26.22 26.30
CA HIS B 196 4.24 -25.65 27.41
C HIS B 196 5.71 -25.61 27.04
N TYR B 197 6.33 -24.45 27.20
CA TYR B 197 7.78 -24.29 27.13
C TYR B 197 8.32 -24.21 28.55
N SER B 198 9.41 -24.93 28.83
CA SER B 198 9.96 -24.92 30.18
C SER B 198 10.55 -23.57 30.57
N CYS B 199 10.86 -22.70 29.59
CA CYS B 199 11.26 -21.33 29.88
C CYS B 199 10.29 -20.62 30.80
N CYS B 200 8.98 -20.80 30.53
CA CYS B 200 7.96 -19.87 30.92
C CYS B 200 6.78 -20.61 31.55
N PRO B 201 6.27 -20.13 32.69
CA PRO B 201 5.20 -20.89 33.38
C PRO B 201 3.89 -20.95 32.63
N GLU B 202 3.68 -20.06 31.61
CA GLU B 202 2.39 -19.83 30.97
C GLU B 202 2.22 -20.72 29.74
N PRO B 203 1.01 -21.24 29.52
CA PRO B 203 0.75 -22.05 28.33
C PRO B 203 0.53 -21.19 27.09
N TYR B 204 0.66 -21.84 25.93
CA TYR B 204 0.52 -21.16 24.64
C TYR B 204 -0.40 -21.99 23.76
N ILE B 205 -1.37 -21.32 23.13
CA ILE B 205 -2.52 -21.96 22.50
C ILE B 205 -2.51 -21.62 21.02
N ASP B 206 -2.70 -22.62 20.18
CA ASP B 206 -2.91 -22.40 18.76
C ASP B 206 -4.05 -23.30 18.31
N VAL B 207 -4.61 -22.98 17.15
CA VAL B 207 -5.52 -23.88 16.46
C VAL B 207 -4.80 -24.38 15.22
N ASN B 208 -4.66 -25.69 15.10
CA ASN B 208 -3.92 -26.28 13.99
C ASN B 208 -4.89 -26.69 12.89
N LEU B 209 -4.70 -26.10 11.71
CA LEU B 209 -5.52 -26.39 10.53
C LEU B 209 -4.80 -27.43 9.67
N VAL B 210 -5.38 -28.61 9.54
CA VAL B 210 -4.78 -29.72 8.80
C VAL B 210 -5.66 -29.99 7.60
N VAL B 211 -5.07 -29.94 6.40
CA VAL B 211 -5.81 -30.09 5.17
C VAL B 211 -5.15 -31.19 4.33
N LYS B 212 -5.96 -32.16 3.89
CA LYS B 212 -5.52 -33.23 3.01
C LYS B 212 -6.27 -33.08 1.69
N PHE B 213 -5.53 -33.04 0.58
CA PHE B 213 -6.14 -32.62 -0.67
C PHE B 213 -5.37 -33.27 -1.81
N ARG B 214 -5.98 -33.24 -2.99
CA ARG B 214 -5.35 -33.81 -4.17
C ARG B 214 -5.92 -33.13 -5.42
N GLU B 215 -5.18 -33.26 -6.52
CA GLU B 215 -5.65 -32.79 -7.80
C GLU B 215 -7.02 -33.40 -8.09
N ARG B 216 -7.91 -32.61 -8.69
CA ARG B 216 -9.32 -32.98 -8.85
C ARG B 216 -9.48 -34.30 -9.58
N ASP C 6 -17.20 38.06 -8.89
CA ASP C 6 -18.15 37.99 -7.81
C ASP C 6 -19.15 36.84 -8.03
N ASP C 7 -19.56 36.67 -9.29
CA ASP C 7 -20.53 35.64 -9.61
C ASP C 7 -19.97 34.25 -9.35
N LYS C 8 -18.72 34.01 -9.72
CA LYS C 8 -18.09 32.72 -9.47
C LYS C 8 -17.86 32.47 -7.99
N LEU C 9 -17.42 33.49 -7.25
CA LEU C 9 -17.36 33.36 -5.79
C LEU C 9 -18.72 33.05 -5.19
N HIS C 10 -19.77 33.67 -5.71
CA HIS C 10 -21.11 33.43 -5.19
C HIS C 10 -21.49 31.96 -5.35
N SER C 11 -21.29 31.41 -6.55
CA SER C 11 -21.65 30.02 -6.76
C SER C 11 -20.75 29.08 -5.96
N GLN C 12 -19.45 29.39 -5.84
CA GLN C 12 -18.60 28.56 -4.99
C GLN C 12 -19.08 28.59 -3.54
N ALA C 13 -19.58 29.74 -3.07
CA ALA C 13 -20.05 29.86 -1.70
C ALA C 13 -21.35 29.10 -1.49
N ASN C 14 -22.23 29.11 -2.49
CA ASN C 14 -23.44 28.30 -2.42
C ASN C 14 -23.10 26.81 -2.35
N LEU C 15 -22.10 26.36 -3.12
CA LEU C 15 -21.72 24.96 -3.04
C LEU C 15 -21.13 24.63 -1.67
N MET C 16 -20.19 25.46 -1.18
CA MET C 16 -19.58 25.21 0.13
C MET C 16 -20.59 25.32 1.27
N ARG C 17 -21.57 26.22 1.16
CA ARG C 17 -22.66 26.23 2.13
C ARG C 17 -23.44 24.91 2.07
N LEU C 18 -23.75 24.43 0.87
CA LEU C 18 -24.47 23.17 0.73
C LEU C 18 -23.69 22.02 1.37
N LYS C 19 -22.43 21.86 1.00
CA LYS C 19 -21.62 20.77 1.54
C LYS C 19 -21.47 20.90 3.05
N SER C 20 -21.19 22.11 3.52
CA SER C 20 -21.13 22.36 4.97
C SER C 20 -22.40 21.89 5.67
N ASP C 21 -23.57 22.33 5.19
CA ASP C 21 -24.84 21.94 5.81
C ASP C 21 -25.03 20.43 5.82
N LEU C 22 -24.65 19.74 4.74
CA LEU C 22 -24.88 18.30 4.69
C LEU C 22 -23.90 17.52 5.58
N PHE C 23 -22.67 17.97 5.71
CA PHE C 23 -21.75 17.31 6.61
C PHE C 23 -21.64 18.03 7.97
N TYR C 29 -25.23 9.55 10.09
CA TYR C 29 -25.76 8.31 9.50
C TYR C 29 -24.94 7.12 9.94
N PRO C 30 -25.59 6.18 10.62
CA PRO C 30 -24.85 5.02 11.13
C PRO C 30 -24.97 3.80 10.23
N GLY C 31 -25.27 4.01 8.96
CA GLY C 31 -25.59 2.90 8.09
C GLY C 31 -27.04 2.46 8.25
N PRO C 32 -27.49 1.56 7.39
CA PRO C 32 -28.89 1.13 7.42
C PRO C 32 -29.18 0.14 8.54
N THR C 33 -30.45 0.05 8.90
CA THR C 33 -30.97 -0.87 9.92
C THR C 33 -32.32 -1.37 9.45
N LYS C 34 -32.84 -2.38 10.13
CA LYS C 34 -34.15 -2.92 9.75
C LYS C 34 -35.25 -1.87 9.87
N ASP C 35 -35.16 -0.96 10.83
CA ASP C 35 -36.12 0.14 10.91
C ASP C 35 -35.90 1.20 9.84
N ASP C 36 -34.67 1.31 9.32
CA ASP C 36 -34.32 2.35 8.35
C ASP C 36 -33.56 1.71 7.20
N PRO C 37 -34.21 0.86 6.41
CA PRO C 37 -33.48 0.07 5.41
C PRO C 37 -33.16 0.88 4.17
N LEU C 38 -32.37 0.27 3.29
CA LEU C 38 -31.77 0.94 2.15
C LEU C 38 -31.78 0.00 0.96
N THR C 39 -32.05 0.56 -0.22
CA THR C 39 -32.02 -0.21 -1.45
C THR C 39 -30.85 0.26 -2.30
N VAL C 40 -29.99 -0.67 -2.67
CA VAL C 40 -28.84 -0.39 -3.52
C VAL C 40 -29.13 -0.99 -4.89
N THR C 41 -29.05 -0.19 -5.93
CA THR C 41 -29.12 -0.69 -7.29
C THR C 41 -27.72 -0.89 -7.85
N LEU C 42 -27.55 -2.01 -8.53
CA LEU C 42 -26.26 -2.54 -8.93
C LEU C 42 -26.34 -2.93 -10.40
N GLY C 43 -25.29 -2.61 -11.15
CA GLY C 43 -25.21 -3.00 -12.55
C GLY C 43 -23.77 -3.16 -12.97
N PHE C 44 -23.54 -4.02 -13.95
CA PHE C 44 -22.18 -4.31 -14.38
C PHE C 44 -22.00 -3.92 -15.84
N THR C 45 -20.87 -3.27 -16.11
CA THR C 45 -20.45 -2.98 -17.47
C THR C 45 -19.13 -3.72 -17.68
N LEU C 46 -19.17 -4.79 -18.46
CA LEU C 46 -18.03 -5.70 -18.54
C LEU C 46 -17.12 -5.23 -19.67
N GLN C 47 -15.86 -4.93 -19.34
CA GLN C 47 -14.90 -4.40 -20.31
C GLN C 47 -14.02 -5.47 -20.93
N ASP C 48 -13.59 -6.45 -20.15
CA ASP C 48 -12.55 -7.33 -20.66
C ASP C 48 -12.44 -8.54 -19.74
N ILE C 49 -12.32 -9.71 -20.35
CA ILE C 49 -11.80 -10.88 -19.66
C ILE C 49 -10.31 -10.88 -20.00
N VAL C 50 -9.49 -10.43 -19.05
CA VAL C 50 -8.08 -10.24 -19.37
C VAL C 50 -7.39 -11.58 -19.51
N LYS C 51 -7.71 -12.50 -18.61
CA LYS C 51 -6.88 -13.68 -18.37
C LYS C 51 -7.77 -14.78 -17.82
N ALA C 52 -7.55 -16.01 -18.31
CA ALA C 52 -8.27 -17.19 -17.83
C ALA C 52 -7.24 -18.27 -17.53
N ASP C 53 -6.96 -18.51 -16.23
CA ASP C 53 -5.79 -19.28 -15.82
C ASP C 53 -6.23 -20.70 -15.46
N SER C 54 -6.01 -21.64 -16.40
CA SER C 54 -6.40 -23.03 -16.20
C SER C 54 -5.46 -23.79 -15.27
N SER C 55 -4.29 -23.22 -14.94
CA SER C 55 -3.49 -23.89 -13.93
C SER C 55 -4.01 -23.65 -12.51
N THR C 56 -4.81 -22.58 -12.28
CA THR C 56 -5.31 -22.30 -10.93
C THR C 56 -6.81 -22.11 -10.86
N ASN C 57 -7.51 -22.19 -11.99
CA ASN C 57 -8.95 -21.91 -12.09
C ASN C 57 -9.30 -20.57 -11.45
N GLU C 58 -8.59 -19.53 -11.93
CA GLU C 58 -8.85 -18.13 -11.66
C GLU C 58 -9.06 -17.39 -12.99
N VAL C 59 -10.01 -16.46 -13.01
CA VAL C 59 -10.27 -15.62 -14.15
C VAL C 59 -10.26 -14.16 -13.69
N ASP C 60 -9.69 -13.29 -14.52
CA ASP C 60 -9.54 -11.87 -14.20
C ASP C 60 -10.48 -11.08 -15.10
N LEU C 61 -11.43 -10.38 -14.50
CA LEU C 61 -12.31 -9.47 -15.23
C LEU C 61 -11.97 -8.02 -14.91
N VAL C 62 -12.22 -7.15 -15.91
CA VAL C 62 -12.20 -5.69 -15.75
C VAL C 62 -13.58 -5.16 -16.10
N TYR C 63 -14.15 -4.34 -15.21
CA TYR C 63 -15.54 -3.92 -15.40
C TYR C 63 -15.78 -2.64 -14.62
N TYR C 64 -16.85 -1.93 -15.01
CA TYR C 64 -17.45 -0.85 -14.22
C TYR C 64 -18.59 -1.42 -13.40
N GLU C 65 -18.66 -1.06 -12.13
CA GLU C 65 -19.73 -1.51 -11.26
C GLU C 65 -20.55 -0.30 -10.83
N GLN C 66 -21.72 -0.13 -11.43
CA GLN C 66 -22.61 0.97 -11.05
C GLN C 66 -23.27 0.65 -9.72
N GLN C 67 -23.19 1.58 -8.78
CA GLN C 67 -23.88 1.48 -7.50
C GLN C 67 -24.65 2.77 -7.29
N ARG C 68 -25.85 2.64 -6.75
CA ARG C 68 -26.75 3.77 -6.59
C ARG C 68 -27.59 3.49 -5.35
N TRP C 69 -27.73 4.50 -4.49
CA TRP C 69 -28.62 4.39 -3.33
C TRP C 69 -29.09 5.77 -2.94
N LYS C 70 -30.08 5.83 -2.05
CA LYS C 70 -30.71 7.11 -1.72
C LYS C 70 -30.80 7.28 -0.22
N LEU C 71 -30.38 8.46 0.27
CA LEU C 71 -30.45 8.82 1.68
C LEU C 71 -31.22 10.13 1.84
N ASN C 72 -32.21 10.13 2.75
CA ASN C 72 -32.91 11.36 3.06
C ASN C 72 -31.98 12.38 3.68
N SER C 73 -30.94 11.92 4.36
CA SER C 73 -29.96 12.83 4.95
C SER C 73 -29.12 13.59 3.92
N LEU C 74 -29.14 13.21 2.64
CA LEU C 74 -28.44 13.98 1.62
C LEU C 74 -29.40 14.73 0.70
N MET C 75 -30.67 14.87 1.07
CA MET C 75 -31.64 15.64 0.30
C MET C 75 -31.48 17.12 0.56
N TRP C 76 -31.82 17.93 -0.44
CA TRP C 76 -31.88 19.38 -0.24
C TRP C 76 -32.77 19.98 -1.32
N ASP C 77 -33.33 21.14 -0.99
CA ASP C 77 -34.04 21.97 -1.94
C ASP C 77 -33.05 22.83 -2.73
N PRO C 78 -32.89 22.58 -4.02
CA PRO C 78 -32.03 23.45 -4.84
C PRO C 78 -32.34 24.93 -4.69
N ASN C 79 -33.60 25.30 -4.41
CA ASN C 79 -33.95 26.71 -4.31
C ASN C 79 -33.28 27.38 -3.12
N GLU C 80 -32.88 26.62 -2.12
CA GLU C 80 -32.19 27.15 -0.95
C GLU C 80 -30.69 27.19 -1.11
N TYR C 81 -30.15 26.69 -2.22
CA TYR C 81 -28.70 26.57 -2.43
C TYR C 81 -28.34 26.98 -3.86
N GLY C 82 -28.81 28.15 -4.27
CA GLY C 82 -28.44 28.73 -5.55
C GLY C 82 -28.76 27.89 -6.76
N ASN C 83 -29.79 27.04 -6.68
CA ASN C 83 -30.22 26.17 -7.76
C ASN C 83 -29.22 25.03 -8.04
N ILE C 84 -28.36 24.69 -7.07
CA ILE C 84 -27.46 23.55 -7.24
C ILE C 84 -28.27 22.27 -7.17
N THR C 85 -28.10 21.42 -8.19
CA THR C 85 -28.84 20.16 -8.23
C THR C 85 -27.98 18.95 -7.89
N ASP C 86 -26.66 19.08 -7.92
CA ASP C 86 -25.78 17.94 -7.65
C ASP C 86 -24.37 18.45 -7.40
N PHE C 87 -23.54 17.58 -6.83
CA PHE C 87 -22.15 17.89 -6.55
C PHE C 87 -21.37 16.59 -6.48
N ARG C 88 -20.06 16.72 -6.45
CA ARG C 88 -19.15 15.58 -6.39
C ARG C 88 -18.46 15.56 -5.04
N THR C 89 -18.22 14.37 -4.50
CA THR C 89 -17.56 14.26 -3.22
C THR C 89 -16.80 12.94 -3.15
N SER C 90 -15.74 12.95 -2.36
CA SER C 90 -14.94 11.75 -2.19
C SER C 90 -15.78 10.63 -1.58
N ALA C 91 -15.62 9.42 -2.13
CA ALA C 91 -16.35 8.27 -1.61
C ALA C 91 -15.96 7.94 -0.17
N ALA C 92 -14.82 8.45 0.31
CA ALA C 92 -14.44 8.28 1.71
C ALA C 92 -15.05 9.35 2.62
N ASP C 93 -15.85 10.26 2.08
CA ASP C 93 -16.53 11.26 2.87
C ASP C 93 -17.97 10.90 3.17
N ILE C 94 -18.46 9.77 2.65
CA ILE C 94 -19.85 9.39 2.81
C ILE C 94 -19.90 7.90 3.11
N TRP C 95 -21.03 7.47 3.67
CA TRP C 95 -21.24 6.04 3.83
C TRP C 95 -21.39 5.41 2.45
N THR C 96 -20.78 4.24 2.27
CA THR C 96 -20.92 3.45 1.06
C THR C 96 -21.21 2.02 1.44
N PRO C 97 -21.98 1.28 0.63
CA PRO C 97 -22.34 -0.08 1.01
C PRO C 97 -21.17 -1.03 0.85
N ASP C 98 -21.19 -2.11 1.66
CA ASP C 98 -20.09 -3.07 1.71
C ASP C 98 -20.29 -4.21 0.70
N ILE C 99 -20.63 -3.85 -0.54
CA ILE C 99 -20.90 -4.84 -1.59
C ILE C 99 -19.59 -5.54 -1.96
N THR C 100 -19.63 -6.86 -2.09
CA THR C 100 -18.40 -7.62 -2.23
C THR C 100 -18.64 -8.85 -3.11
N ALA C 101 -17.64 -9.18 -3.92
CA ALA C 101 -17.61 -10.49 -4.58
C ALA C 101 -17.39 -11.58 -3.54
N TYR C 102 -18.19 -12.65 -3.59
CA TYR C 102 -18.15 -13.70 -2.58
C TYR C 102 -17.12 -14.79 -2.87
N SER C 103 -16.58 -14.86 -4.09
CA SER C 103 -15.59 -15.88 -4.40
C SER C 103 -14.40 -15.27 -5.14
N SER C 104 -14.00 -14.06 -4.74
CA SER C 104 -12.75 -13.51 -5.26
C SER C 104 -11.57 -14.32 -4.72
N THR C 105 -10.44 -14.20 -5.39
CA THR C 105 -9.22 -14.81 -4.91
C THR C 105 -8.08 -13.80 -4.74
N ARG C 106 -8.25 -12.56 -5.16
CA ARG C 106 -7.31 -11.48 -4.87
C ARG C 106 -8.11 -10.27 -4.39
N PRO C 107 -7.48 -9.38 -3.65
CA PRO C 107 -8.11 -8.07 -3.40
C PRO C 107 -8.43 -7.42 -4.72
N VAL C 108 -9.67 -6.95 -4.85
CA VAL C 108 -10.07 -6.20 -6.04
C VAL C 108 -9.08 -5.05 -6.24
N GLN C 109 -8.80 -4.71 -7.49
CA GLN C 109 -7.96 -3.57 -7.81
C GLN C 109 -8.83 -2.45 -8.35
N VAL C 110 -8.71 -1.28 -7.74
CA VAL C 110 -9.54 -0.14 -8.10
C VAL C 110 -8.82 0.64 -9.20
N LEU C 111 -9.50 0.90 -10.31
CA LEU C 111 -8.87 1.56 -11.46
C LEU C 111 -9.34 2.99 -11.64
N SER C 112 -10.32 3.44 -10.88
CA SER C 112 -10.86 4.76 -11.11
C SER C 112 -10.80 5.52 -9.80
N PRO C 113 -10.80 6.86 -9.85
CA PRO C 113 -10.81 7.62 -8.59
C PRO C 113 -12.10 7.37 -7.81
N GLN C 114 -11.99 7.41 -6.50
CA GLN C 114 -13.11 7.02 -5.65
C GLN C 114 -13.96 8.25 -5.34
N ILE C 115 -14.77 8.65 -6.33
CA ILE C 115 -15.58 9.85 -6.24
C ILE C 115 -17.02 9.51 -6.63
N ALA C 116 -17.97 10.00 -5.85
CA ALA C 116 -19.39 9.76 -6.05
C ALA C 116 -20.09 11.05 -6.43
N VAL C 117 -21.22 10.90 -7.13
CA VAL C 117 -22.10 12.01 -7.47
C VAL C 117 -23.26 11.98 -6.50
N VAL C 118 -23.61 13.13 -5.92
CA VAL C 118 -24.78 13.26 -5.05
C VAL C 118 -25.76 14.22 -5.72
N THR C 119 -27.04 13.84 -5.74
CA THR C 119 -28.11 14.67 -6.29
C THR C 119 -29.08 15.10 -5.19
N HIS C 120 -29.82 16.18 -5.48
CA HIS C 120 -30.64 16.85 -4.47
C HIS C 120 -31.77 15.96 -3.94
N ASP C 121 -32.20 14.95 -4.67
CA ASP C 121 -33.17 14.01 -4.09
C ASP C 121 -32.52 13.03 -3.11
N GLY C 122 -31.24 13.21 -2.80
CA GLY C 122 -30.53 12.32 -1.90
C GLY C 122 -29.96 11.08 -2.54
N SER C 123 -29.95 10.98 -3.87
CA SER C 123 -29.34 9.85 -4.55
C SER C 123 -27.83 9.99 -4.58
N VAL C 124 -27.14 8.88 -4.31
CA VAL C 124 -25.69 8.83 -4.43
C VAL C 124 -25.37 7.89 -5.59
N MET C 125 -24.44 8.28 -6.44
CA MET C 125 -24.08 7.50 -7.62
C MET C 125 -22.57 7.31 -7.68
N PHE C 126 -22.14 6.07 -7.85
CA PHE C 126 -20.75 5.66 -7.64
C PHE C 126 -20.47 4.57 -8.66
N ILE C 127 -19.43 4.74 -9.49
CA ILE C 127 -19.15 3.75 -10.52
C ILE C 127 -17.66 3.41 -10.56
N PRO C 128 -17.16 2.64 -9.60
CA PRO C 128 -15.74 2.25 -9.65
C PRO C 128 -15.46 1.28 -10.79
N ALA C 129 -14.39 1.58 -11.55
CA ALA C 129 -13.78 0.59 -12.44
C ALA C 129 -12.87 -0.33 -11.61
N GLN C 130 -12.87 -1.62 -11.95
CA GLN C 130 -12.29 -2.63 -11.08
C GLN C 130 -11.69 -3.76 -11.89
N ARG C 131 -10.62 -4.34 -11.37
CA ARG C 131 -10.13 -5.63 -11.83
C ARG C 131 -10.32 -6.65 -10.73
N LEU C 132 -10.96 -7.76 -11.05
CA LEU C 132 -11.31 -8.80 -10.09
C LEU C 132 -10.81 -10.16 -10.60
N SER C 133 -9.98 -10.82 -9.78
CA SER C 133 -9.69 -12.25 -9.92
C SER C 133 -10.73 -13.02 -9.13
N PHE C 134 -11.30 -14.05 -9.76
CA PHE C 134 -12.30 -14.87 -9.06
C PHE C 134 -12.25 -16.33 -9.53
N MET C 135 -12.88 -17.20 -8.72
CA MET C 135 -12.77 -18.65 -8.92
C MET C 135 -13.57 -19.08 -10.13
N CYS C 136 -12.92 -19.70 -11.09
CA CYS C 136 -13.58 -20.00 -12.36
C CYS C 136 -12.75 -21.03 -13.08
N ASP C 137 -13.36 -22.17 -13.43
CA ASP C 137 -12.70 -23.18 -14.24
C ASP C 137 -12.97 -22.88 -15.71
N PRO C 138 -11.95 -22.53 -16.50
CA PRO C 138 -12.18 -22.20 -17.92
C PRO C 138 -12.28 -23.40 -18.86
N THR C 139 -12.29 -24.64 -18.36
CA THR C 139 -12.44 -25.80 -19.23
C THR C 139 -13.63 -25.61 -20.16
N GLY C 140 -13.41 -25.85 -21.45
CA GLY C 140 -14.39 -25.58 -22.47
C GLY C 140 -14.18 -24.27 -23.21
N VAL C 141 -13.24 -23.42 -22.78
CA VAL C 141 -13.11 -22.10 -23.38
C VAL C 141 -12.57 -22.20 -24.80
N ASP C 142 -11.81 -23.27 -25.10
CA ASP C 142 -11.25 -23.55 -26.41
C ASP C 142 -12.20 -24.34 -27.30
N SER C 143 -13.51 -24.24 -27.07
CA SER C 143 -14.52 -24.99 -27.80
C SER C 143 -15.61 -24.03 -28.24
N GLU C 144 -16.52 -24.54 -29.07
CA GLU C 144 -17.61 -23.72 -29.57
C GLU C 144 -18.65 -23.44 -28.49
N GLU C 145 -18.86 -24.37 -27.55
CA GLU C 145 -19.81 -24.12 -26.48
C GLU C 145 -19.28 -23.11 -25.44
N GLY C 146 -17.96 -22.94 -25.35
CA GLY C 146 -17.38 -21.99 -24.39
C GLY C 146 -17.37 -22.53 -22.96
N ALA C 147 -16.84 -21.70 -22.08
CA ALA C 147 -16.86 -21.99 -20.65
C ALA C 147 -17.87 -21.06 -19.98
N THR C 148 -18.28 -21.41 -18.77
CA THR C 148 -19.28 -20.64 -18.04
C THR C 148 -18.79 -20.42 -16.62
N CYS C 149 -18.86 -19.18 -16.14
CA CYS C 149 -18.42 -18.90 -14.79
C CYS C 149 -19.36 -17.90 -14.11
N ALA C 150 -19.43 -18.00 -12.79
CA ALA C 150 -20.37 -17.21 -12.03
C ALA C 150 -19.70 -16.68 -10.78
N VAL C 151 -20.13 -15.50 -10.36
CA VAL C 151 -19.69 -14.95 -9.10
C VAL C 151 -20.81 -14.12 -8.53
N LYS C 152 -21.07 -14.30 -7.24
CA LYS C 152 -22.11 -13.56 -6.53
C LYS C 152 -21.53 -12.31 -5.88
N PHE C 153 -22.29 -11.22 -5.95
CA PHE C 153 -21.92 -9.97 -5.31
C PHE C 153 -23.01 -9.66 -4.29
N GLY C 154 -22.61 -9.23 -3.09
CA GLY C 154 -23.60 -8.78 -2.13
C GLY C 154 -22.92 -8.16 -0.91
N SER C 155 -23.76 -7.67 -0.01
CA SER C 155 -23.27 -7.12 1.24
C SER C 155 -22.60 -8.20 2.08
N TRP C 156 -21.55 -7.81 2.81
CA TRP C 156 -20.82 -8.75 3.65
C TRP C 156 -21.52 -9.03 4.97
N VAL C 157 -22.16 -8.01 5.56
CA VAL C 157 -22.71 -8.12 6.91
C VAL C 157 -24.16 -7.67 7.02
N TYR C 158 -24.77 -7.20 5.93
CA TYR C 158 -26.15 -6.71 5.98
C TYR C 158 -27.09 -7.69 5.28
N SER C 159 -28.20 -7.99 5.94
CA SER C 159 -29.20 -8.86 5.35
C SER C 159 -30.14 -8.05 4.47
N GLY C 160 -31.06 -8.75 3.80
CA GLY C 160 -32.07 -8.13 2.97
C GLY C 160 -33.03 -7.23 3.72
N PHE C 161 -33.12 -7.35 5.04
CA PHE C 161 -33.92 -6.42 5.83
C PHE C 161 -33.22 -5.09 6.05
N GLU C 162 -31.92 -5.02 5.78
CA GLU C 162 -31.14 -3.81 5.92
C GLU C 162 -30.72 -3.23 4.57
N ILE C 163 -30.22 -4.06 3.66
CA ILE C 163 -29.86 -3.61 2.33
C ILE C 163 -30.55 -4.53 1.33
N ASP C 164 -31.42 -3.97 0.52
CA ASP C 164 -32.04 -4.69 -0.58
C ASP C 164 -31.30 -4.36 -1.87
N LEU C 165 -30.89 -5.39 -2.60
CA LEU C 165 -30.23 -5.21 -3.88
C LEU C 165 -31.25 -5.26 -5.01
N LYS C 166 -31.12 -4.34 -5.95
CA LYS C 166 -31.91 -4.36 -7.18
C LYS C 166 -31.00 -4.16 -8.37
N THR C 167 -31.39 -4.74 -9.49
CA THR C 167 -30.82 -4.38 -10.78
C THR C 167 -31.88 -3.66 -11.60
N ASP C 168 -31.41 -2.89 -12.57
CA ASP C 168 -32.30 -2.31 -13.56
C ASP C 168 -32.58 -3.27 -14.69
N THR C 169 -31.73 -4.28 -14.89
CA THR C 169 -31.99 -5.30 -15.90
C THR C 169 -31.11 -6.50 -15.58
N ASP C 170 -31.56 -7.67 -16.06
CA ASP C 170 -30.77 -8.88 -15.88
C ASP C 170 -29.67 -9.02 -16.93
N GLN C 171 -29.59 -8.10 -17.87
CA GLN C 171 -28.63 -8.17 -18.97
C GLN C 171 -27.40 -7.33 -18.63
N VAL C 172 -26.25 -7.97 -18.55
CA VAL C 172 -25.01 -7.22 -18.34
C VAL C 172 -24.79 -6.26 -19.51
N ASP C 173 -24.31 -5.07 -19.21
CA ASP C 173 -23.95 -4.11 -20.24
C ASP C 173 -22.68 -4.57 -20.93
N LEU C 174 -22.80 -4.91 -22.23
CA LEU C 174 -21.67 -5.33 -23.05
C LEU C 174 -21.27 -4.30 -24.09
N SER C 175 -21.85 -3.10 -24.03
CA SER C 175 -21.59 -2.07 -25.02
C SER C 175 -20.16 -1.52 -24.97
N SER C 176 -19.38 -1.82 -23.92
CA SER C 176 -18.00 -1.37 -23.84
C SER C 176 -17.03 -2.54 -23.77
N TYR C 177 -17.48 -3.74 -24.14
CA TYR C 177 -16.57 -4.88 -24.11
C TYR C 177 -15.47 -4.72 -25.16
N TYR C 178 -14.25 -5.01 -24.76
CA TYR C 178 -13.08 -4.77 -25.60
C TYR C 178 -13.13 -5.67 -26.83
N ALA C 179 -13.29 -5.04 -28.00
CA ALA C 179 -13.52 -5.74 -29.26
C ALA C 179 -12.38 -6.66 -29.65
N SER C 180 -11.18 -6.47 -29.11
CA SER C 180 -10.04 -7.32 -29.44
C SER C 180 -9.58 -8.13 -28.24
N SER C 181 -10.46 -8.39 -27.28
CA SER C 181 -10.09 -9.27 -26.18
C SER C 181 -9.65 -10.63 -26.71
N LYS C 182 -8.82 -11.32 -25.93
CA LYS C 182 -8.58 -12.74 -26.18
C LYS C 182 -9.85 -13.56 -26.04
N TYR C 183 -10.90 -13.03 -25.42
CA TYR C 183 -12.10 -13.79 -25.16
C TYR C 183 -13.30 -13.03 -25.67
N GLU C 184 -14.21 -13.77 -26.30
CA GLU C 184 -15.48 -13.25 -26.77
C GLU C 184 -16.57 -13.66 -25.79
N ILE C 185 -17.54 -12.78 -25.58
CA ILE C 185 -18.65 -13.04 -24.66
C ILE C 185 -19.83 -13.62 -25.43
N LEU C 186 -20.24 -14.83 -25.04
CA LEU C 186 -21.46 -15.45 -25.57
C LEU C 186 -22.71 -14.98 -24.83
N SER C 187 -22.65 -14.77 -23.51
CA SER C 187 -23.76 -14.13 -22.78
C SER C 187 -23.29 -13.75 -21.37
N ALA C 188 -23.99 -12.77 -20.80
CA ALA C 188 -23.62 -12.21 -19.51
C ALA C 188 -24.87 -11.67 -18.84
N THR C 189 -25.20 -12.22 -17.67
CA THR C 189 -26.41 -11.87 -16.96
C THR C 189 -26.10 -11.52 -15.50
N GLN C 190 -26.96 -10.70 -14.91
CA GLN C 190 -26.79 -10.22 -13.55
C GLN C 190 -28.15 -10.35 -12.88
N THR C 191 -28.32 -11.41 -12.09
CA THR C 191 -29.64 -11.80 -11.59
C THR C 191 -29.71 -11.63 -10.09
N ARG C 192 -30.64 -10.79 -9.65
CA ARG C 192 -31.00 -10.72 -8.24
C ARG C 192 -31.44 -12.08 -7.70
N GLN C 193 -30.89 -12.48 -6.55
CA GLN C 193 -31.28 -13.73 -5.91
C GLN C 193 -31.64 -13.47 -4.46
N VAL C 194 -32.73 -14.08 -4.01
CA VAL C 194 -33.13 -14.02 -2.61
C VAL C 194 -32.81 -15.39 -2.02
N GLN C 195 -31.95 -15.41 -1.02
CA GLN C 195 -31.63 -16.63 -0.30
C GLN C 195 -32.42 -16.67 1.00
N HIS C 196 -33.08 -17.78 1.25
CA HIS C 196 -33.79 -18.00 2.50
C HIS C 196 -33.09 -19.13 3.25
N TYR C 197 -32.50 -18.80 4.38
CA TYR C 197 -31.84 -19.77 5.22
C TYR C 197 -32.69 -20.07 6.45
N SER C 198 -32.64 -21.32 6.89
CA SER C 198 -33.42 -21.69 8.06
C SER C 198 -32.81 -21.13 9.34
N CYS C 199 -31.51 -20.83 9.32
CA CYS C 199 -30.83 -20.26 10.48
C CYS C 199 -31.51 -18.99 10.98
N CYS C 200 -32.10 -18.21 10.06
CA CYS C 200 -32.20 -16.79 10.33
C CYS C 200 -33.53 -16.24 9.81
N PRO C 201 -34.18 -15.36 10.58
CA PRO C 201 -35.48 -14.82 10.14
C PRO C 201 -35.38 -13.90 8.95
N GLU C 202 -34.21 -13.39 8.67
CA GLU C 202 -34.01 -12.40 7.64
C GLU C 202 -33.48 -13.06 6.36
N PRO C 203 -34.03 -12.67 5.21
CA PRO C 203 -33.53 -13.19 3.93
C PRO C 203 -32.28 -12.45 3.51
N TYR C 204 -31.48 -13.12 2.69
CA TYR C 204 -30.24 -12.54 2.19
C TYR C 204 -30.31 -12.43 0.67
N ILE C 205 -29.60 -11.43 0.13
CA ILE C 205 -29.76 -10.98 -1.24
C ILE C 205 -28.38 -10.85 -1.87
N ASP C 206 -28.23 -11.40 -3.06
CA ASP C 206 -27.02 -11.18 -3.86
C ASP C 206 -27.44 -10.93 -5.30
N VAL C 207 -26.49 -10.48 -6.11
CA VAL C 207 -26.66 -10.44 -7.55
C VAL C 207 -25.66 -11.43 -8.14
N ASN C 208 -26.15 -12.32 -8.98
CA ASN C 208 -25.32 -13.39 -9.51
C ASN C 208 -24.88 -12.99 -10.91
N LEU C 209 -23.57 -12.92 -11.11
CA LEU C 209 -23.00 -12.49 -12.38
C LEU C 209 -22.56 -13.75 -13.11
N VAL C 210 -23.24 -14.08 -14.21
CA VAL C 210 -22.94 -15.29 -14.95
C VAL C 210 -22.47 -14.90 -16.34
N VAL C 211 -21.31 -15.41 -16.72
CA VAL C 211 -20.63 -15.07 -17.96
C VAL C 211 -20.26 -16.36 -18.67
N LYS C 212 -20.66 -16.48 -19.93
CA LYS C 212 -20.26 -17.58 -20.79
C LYS C 212 -19.40 -16.97 -21.88
N PHE C 213 -18.23 -17.56 -22.12
CA PHE C 213 -17.23 -16.92 -22.94
C PHE C 213 -16.40 -17.99 -23.61
N ARG C 214 -15.61 -17.58 -24.61
CA ARG C 214 -14.70 -18.50 -25.30
C ARG C 214 -13.64 -17.71 -26.05
N GLU C 215 -12.55 -18.40 -26.36
CA GLU C 215 -11.39 -17.76 -27.01
C GLU C 215 -11.74 -17.17 -28.37
N LYS D 8 16.43 37.31 3.10
CA LYS D 8 16.45 35.87 2.85
C LYS D 8 15.48 35.14 3.80
N LEU D 9 15.48 35.50 5.08
CA LEU D 9 14.30 35.24 5.89
C LEU D 9 13.12 36.06 5.40
N HIS D 10 13.42 37.23 4.80
CA HIS D 10 12.40 38.07 4.20
C HIS D 10 11.71 37.36 3.03
N SER D 11 12.48 36.78 2.13
CA SER D 11 11.89 36.07 1.01
C SER D 11 11.13 34.83 1.48
N GLN D 12 11.69 34.08 2.44
CA GLN D 12 10.95 32.94 2.99
C GLN D 12 9.65 33.38 3.63
N ALA D 13 9.66 34.53 4.30
CA ALA D 13 8.45 35.04 4.95
C ALA D 13 7.41 35.46 3.92
N ASN D 14 7.86 36.12 2.83
CA ASN D 14 6.96 36.48 1.74
C ASN D 14 6.27 35.24 1.14
N LEU D 15 7.03 34.16 0.91
CA LEU D 15 6.44 32.92 0.39
C LEU D 15 5.47 32.28 1.40
N MET D 16 5.83 32.27 2.69
CA MET D 16 4.88 31.76 3.69
C MET D 16 3.63 32.63 3.77
N ARG D 17 3.79 33.94 3.62
CA ARG D 17 2.62 34.83 3.65
C ARG D 17 1.71 34.57 2.45
N LEU D 18 2.29 34.38 1.27
CA LEU D 18 1.48 34.09 0.08
C LEU D 18 0.72 32.76 0.25
N LYS D 19 1.43 31.69 0.58
CA LYS D 19 0.77 30.40 0.75
C LYS D 19 -0.33 30.49 1.81
N SER D 20 -0.04 31.19 2.92
CA SER D 20 -1.04 31.29 3.99
C SER D 20 -2.26 32.06 3.51
N ASP D 21 -2.05 33.18 2.81
CA ASP D 21 -3.17 33.92 2.23
C ASP D 21 -3.98 33.06 1.27
N LEU D 22 -3.31 32.30 0.40
CA LEU D 22 -4.03 31.50 -0.60
C LEU D 22 -4.81 30.37 0.05
N PHE D 23 -4.22 29.68 1.01
CA PHE D 23 -4.94 28.58 1.62
C PHE D 23 -6.11 29.05 2.50
N ASN D 24 -6.09 30.30 2.99
CA ASN D 24 -7.26 30.90 3.68
C ASN D 24 -8.20 31.69 2.78
N PRO D 27 -14.19 31.89 0.48
CA PRO D 27 -14.70 30.57 0.12
C PRO D 27 -13.60 29.66 -0.39
N MET D 28 -13.53 28.44 0.12
CA MET D 28 -12.57 27.49 -0.42
C MET D 28 -13.04 27.00 -1.80
N TYR D 29 -12.08 26.75 -2.69
CA TYR D 29 -12.44 26.28 -4.02
C TYR D 29 -12.98 24.86 -3.90
N PRO D 30 -14.23 24.60 -4.32
CA PRO D 30 -14.83 23.28 -4.09
C PRO D 30 -14.79 22.37 -5.30
N GLY D 31 -13.94 22.67 -6.28
CA GLY D 31 -13.94 21.97 -7.54
C GLY D 31 -14.87 22.66 -8.52
N PRO D 32 -14.76 22.34 -9.80
CA PRO D 32 -15.54 23.04 -10.83
C PRO D 32 -17.00 22.60 -10.83
N THR D 33 -17.84 23.49 -11.36
CA THR D 33 -19.28 23.29 -11.46
C THR D 33 -19.77 23.84 -12.80
N LYS D 34 -21.06 23.62 -13.08
CA LYS D 34 -21.63 24.16 -14.31
C LYS D 34 -21.60 25.69 -14.32
N ASP D 35 -21.76 26.32 -13.15
CA ASP D 35 -21.64 27.77 -13.08
C ASP D 35 -20.20 28.27 -13.06
N ASP D 36 -19.24 27.44 -12.66
CA ASP D 36 -17.82 27.83 -12.62
C ASP D 36 -17.01 26.71 -13.26
N PRO D 37 -17.15 26.52 -14.57
CA PRO D 37 -16.50 25.37 -15.22
C PRO D 37 -15.03 25.64 -15.48
N LEU D 38 -14.35 24.59 -15.90
CA LEU D 38 -12.90 24.64 -15.92
C LEU D 38 -12.42 23.93 -17.16
N THR D 39 -11.35 24.43 -17.76
CA THR D 39 -10.73 23.80 -18.92
C THR D 39 -9.39 23.23 -18.50
N VAL D 40 -9.17 21.94 -18.73
CA VAL D 40 -7.92 21.29 -18.38
C VAL D 40 -7.19 21.00 -19.68
N THR D 41 -5.94 21.43 -19.78
CA THR D 41 -5.13 21.10 -20.95
C THR D 41 -4.31 19.86 -20.63
N LEU D 42 -4.25 18.95 -21.59
CA LEU D 42 -3.73 17.60 -21.40
C LEU D 42 -2.79 17.29 -22.55
N GLY D 43 -1.63 16.72 -22.24
CA GLY D 43 -0.72 16.29 -23.29
C GLY D 43 0.17 15.18 -22.78
N PHE D 44 0.59 14.31 -23.70
CA PHE D 44 1.41 13.17 -23.35
C PHE D 44 2.76 13.27 -24.03
N THR D 45 3.79 12.89 -23.30
CA THR D 45 5.14 12.75 -23.83
C THR D 45 5.51 11.30 -23.58
N LEU D 46 5.53 10.50 -24.64
CA LEU D 46 5.72 9.07 -24.51
C LEU D 46 7.20 8.71 -24.34
N GLN D 47 7.52 7.97 -23.29
CA GLN D 47 8.90 7.56 -23.07
C GLN D 47 9.20 6.15 -23.53
N ASP D 48 8.25 5.22 -23.41
CA ASP D 48 8.61 3.84 -23.67
C ASP D 48 7.38 2.94 -23.70
N ILE D 49 7.36 2.03 -24.66
CA ILE D 49 6.48 0.88 -24.62
C ILE D 49 7.34 -0.22 -24.02
N VAL D 50 7.10 -0.54 -22.75
CA VAL D 50 7.97 -1.48 -22.05
C VAL D 50 7.71 -2.92 -22.52
N LYS D 51 6.44 -3.28 -22.66
CA LYS D 51 6.03 -4.67 -22.80
C LYS D 51 4.73 -4.71 -23.57
N ALA D 52 4.62 -5.63 -24.53
CA ALA D 52 3.38 -5.92 -25.25
C ALA D 52 3.09 -7.40 -25.07
N ASP D 53 2.00 -7.73 -24.37
CA ASP D 53 1.70 -9.10 -23.96
C ASP D 53 0.56 -9.61 -24.83
N SER D 54 0.88 -10.49 -25.78
CA SER D 54 -0.14 -11.03 -26.66
C SER D 54 -0.90 -12.19 -26.02
N SER D 55 -0.45 -12.69 -24.87
CA SER D 55 -1.26 -13.71 -24.23
C SER D 55 -2.46 -13.09 -23.53
N THR D 56 -2.35 -11.85 -23.04
CA THR D 56 -3.49 -11.20 -22.40
C THR D 56 -3.98 -9.96 -23.13
N ASN D 57 -3.35 -9.58 -24.24
CA ASN D 57 -3.64 -8.32 -24.94
C ASN D 57 -3.61 -7.12 -23.97
N GLU D 58 -2.51 -7.01 -23.24
CA GLU D 58 -2.18 -5.85 -22.43
C GLU D 58 -0.87 -5.25 -22.91
N VAL D 59 -0.78 -3.92 -22.96
CA VAL D 59 0.46 -3.24 -23.27
C VAL D 59 0.78 -2.24 -22.17
N ASP D 60 2.06 -2.14 -21.82
CA ASP D 60 2.53 -1.30 -20.73
C ASP D 60 3.28 -0.10 -21.31
N LEU D 61 2.86 1.10 -20.94
CA LEU D 61 3.37 2.37 -21.43
C LEU D 61 3.91 3.20 -20.27
N VAL D 62 5.06 3.84 -20.50
CA VAL D 62 5.59 4.86 -19.59
C VAL D 62 5.54 6.20 -20.32
N TYR D 63 4.98 7.22 -19.65
CA TYR D 63 4.81 8.53 -20.29
C TYR D 63 4.78 9.60 -19.20
N TYR D 64 4.97 10.86 -19.62
CA TYR D 64 4.64 12.02 -18.80
C TYR D 64 3.25 12.47 -19.21
N GLU D 65 2.41 12.74 -18.22
CA GLU D 65 1.07 13.25 -18.49
C GLU D 65 1.00 14.68 -18.00
N GLN D 66 1.04 15.64 -18.93
CA GLN D 66 1.01 17.05 -18.55
C GLN D 66 -0.44 17.50 -18.36
N GLN D 67 -0.70 18.14 -17.22
CA GLN D 67 -2.03 18.69 -16.93
C GLN D 67 -1.90 20.15 -16.53
N ARG D 68 -2.78 20.97 -17.05
CA ARG D 68 -2.73 22.39 -16.75
C ARG D 68 -4.15 22.94 -16.67
N TRP D 69 -4.39 23.74 -15.64
CA TRP D 69 -5.65 24.46 -15.50
C TRP D 69 -5.39 25.76 -14.75
N LYS D 70 -6.40 26.63 -14.71
CA LYS D 70 -6.20 27.96 -14.16
C LYS D 70 -7.37 28.31 -13.25
N LEU D 71 -7.07 28.81 -12.05
CA LEU D 71 -8.10 29.15 -11.07
C LEU D 71 -7.95 30.58 -10.62
N ASN D 72 -9.05 31.34 -10.62
CA ASN D 72 -9.05 32.66 -10.04
C ASN D 72 -8.55 32.65 -8.60
N SER D 73 -9.03 31.68 -7.81
CA SER D 73 -8.70 31.63 -6.39
C SER D 73 -7.21 31.42 -6.13
N LEU D 74 -6.41 31.13 -7.15
CA LEU D 74 -4.97 30.97 -6.97
C LEU D 74 -4.17 32.13 -7.58
N MET D 75 -4.84 33.19 -8.01
CA MET D 75 -4.14 34.36 -8.56
C MET D 75 -3.58 35.23 -7.45
N TRP D 76 -2.52 35.95 -7.75
CA TRP D 76 -2.05 36.99 -6.84
C TRP D 76 -1.25 38.00 -7.65
N ASP D 77 -1.14 39.20 -7.09
CA ASP D 77 -0.27 40.21 -7.67
C ASP D 77 1.12 40.02 -7.10
N PRO D 78 2.12 39.69 -7.92
CA PRO D 78 3.48 39.55 -7.39
C PRO D 78 3.98 40.77 -6.61
N ASN D 79 3.52 41.97 -6.95
CA ASN D 79 3.98 43.17 -6.26
C ASN D 79 3.71 43.09 -4.78
N GLU D 80 2.57 42.51 -4.40
CA GLU D 80 2.14 42.40 -3.01
C GLU D 80 2.84 41.27 -2.26
N TYR D 81 3.67 40.47 -2.92
CA TYR D 81 4.31 39.33 -2.31
C TYR D 81 5.77 39.26 -2.77
N GLY D 82 6.47 40.38 -2.66
CA GLY D 82 7.90 40.41 -2.93
C GLY D 82 8.28 39.91 -4.30
N ASN D 83 7.42 40.12 -5.30
CA ASN D 83 7.67 39.72 -6.68
C ASN D 83 7.75 38.22 -6.86
N ILE D 84 7.22 37.44 -5.91
CA ILE D 84 7.08 36.00 -6.12
C ILE D 84 6.14 35.76 -7.30
N THR D 85 6.56 34.90 -8.22
CA THR D 85 5.81 34.60 -9.42
C THR D 85 5.25 33.18 -9.45
N ASP D 86 5.70 32.30 -8.56
CA ASP D 86 5.30 30.90 -8.62
C ASP D 86 5.70 30.22 -7.32
N PHE D 87 5.09 29.07 -7.04
CA PHE D 87 5.54 28.25 -5.92
C PHE D 87 5.16 26.80 -6.20
N ARG D 88 5.67 25.92 -5.34
CA ARG D 88 5.49 24.49 -5.46
C ARG D 88 4.71 23.98 -4.27
N THR D 89 3.76 23.07 -4.53
CA THR D 89 3.00 22.49 -3.44
C THR D 89 2.68 21.04 -3.79
N SER D 90 2.54 20.22 -2.76
CA SER D 90 2.14 18.84 -2.96
C SER D 90 0.82 18.80 -3.69
N ALA D 91 0.69 17.88 -4.65
CA ALA D 91 -0.57 17.71 -5.37
C ALA D 91 -1.73 17.32 -4.45
N ALA D 92 -1.45 16.73 -3.29
CA ALA D 92 -2.53 16.38 -2.37
C ALA D 92 -3.08 17.59 -1.61
N ASP D 93 -2.36 18.70 -1.59
CA ASP D 93 -2.73 19.91 -0.88
C ASP D 93 -3.71 20.77 -1.64
N ILE D 94 -4.02 20.45 -2.89
CA ILE D 94 -4.90 21.28 -3.71
C ILE D 94 -5.81 20.37 -4.52
N TRP D 95 -6.87 20.97 -5.04
CA TRP D 95 -7.70 20.26 -5.99
C TRP D 95 -6.90 19.95 -7.25
N THR D 96 -7.02 18.71 -7.74
CA THR D 96 -6.48 18.31 -9.03
C THR D 96 -7.57 17.58 -9.80
N PRO D 97 -7.52 17.58 -11.13
CA PRO D 97 -8.56 16.86 -11.89
C PRO D 97 -8.40 15.34 -11.84
N ASP D 98 -9.56 14.67 -11.83
CA ASP D 98 -9.63 13.22 -11.76
C ASP D 98 -9.50 12.59 -13.15
N ILE D 99 -8.48 13.00 -13.90
CA ILE D 99 -8.23 12.43 -15.21
C ILE D 99 -7.88 10.96 -15.07
N THR D 100 -8.56 10.12 -15.85
CA THR D 100 -8.48 8.67 -15.68
C THR D 100 -8.44 7.99 -17.05
N ALA D 101 -7.58 6.98 -17.20
CA ALA D 101 -7.66 6.12 -18.38
C ALA D 101 -8.93 5.27 -18.31
N TYR D 102 -9.68 5.19 -19.42
CA TYR D 102 -10.95 4.45 -19.46
C TYR D 102 -10.76 2.93 -19.58
N SER D 103 -9.62 2.46 -20.04
CA SER D 103 -9.47 1.04 -20.37
C SER D 103 -8.15 0.48 -19.86
N SER D 104 -7.73 0.93 -18.67
CA SER D 104 -6.60 0.30 -18.00
C SER D 104 -7.01 -1.07 -17.48
N THR D 105 -5.98 -1.89 -17.17
CA THR D 105 -6.19 -3.21 -16.62
C THR D 105 -5.44 -3.43 -15.30
N ARG D 106 -4.65 -2.46 -14.86
CA ARG D 106 -3.99 -2.43 -13.56
C ARG D 106 -4.03 -1.00 -13.07
N PRO D 107 -4.03 -0.78 -11.75
CA PRO D 107 -3.89 0.59 -11.24
C PRO D 107 -2.64 1.22 -11.82
N VAL D 108 -2.77 2.49 -12.24
CA VAL D 108 -1.63 3.20 -12.82
C VAL D 108 -0.53 3.27 -11.78
N GLN D 109 0.72 3.16 -12.21
CA GLN D 109 1.86 3.31 -11.31
C GLN D 109 2.47 4.69 -11.51
N VAL D 110 2.70 5.39 -10.39
CA VAL D 110 3.23 6.74 -10.45
C VAL D 110 4.73 6.67 -10.19
N LEU D 111 5.51 7.24 -11.10
CA LEU D 111 6.96 7.13 -11.13
C LEU D 111 7.66 8.42 -10.73
N SER D 112 6.92 9.43 -10.26
CA SER D 112 7.54 10.71 -9.97
C SER D 112 6.94 11.25 -8.69
N PRO D 113 7.61 12.19 -8.04
CA PRO D 113 6.94 12.97 -6.99
C PRO D 113 5.64 13.54 -7.53
N GLN D 114 4.69 13.83 -6.68
CA GLN D 114 3.43 14.43 -7.14
C GLN D 114 3.35 15.85 -6.55
N ILE D 115 3.93 16.78 -7.28
CA ILE D 115 4.07 18.17 -6.87
C ILE D 115 3.56 19.03 -8.01
N ALA D 116 2.72 20.01 -7.70
CA ALA D 116 2.23 20.96 -8.68
C ALA D 116 3.00 22.27 -8.58
N VAL D 117 3.08 22.98 -9.71
CA VAL D 117 3.65 24.33 -9.78
C VAL D 117 2.50 25.30 -9.99
N VAL D 118 2.31 26.23 -9.05
CA VAL D 118 1.28 27.26 -9.15
C VAL D 118 1.93 28.59 -9.54
N THR D 119 1.37 29.26 -10.53
CA THR D 119 1.90 30.51 -11.05
C THR D 119 0.92 31.63 -10.74
N HIS D 120 1.43 32.87 -10.70
CA HIS D 120 0.68 34.01 -10.16
C HIS D 120 -0.59 34.34 -10.95
N ASP D 121 -0.69 33.93 -12.21
CA ASP D 121 -1.95 34.10 -12.94
C ASP D 121 -3.01 33.08 -12.53
N GLY D 122 -2.77 32.29 -11.49
CA GLY D 122 -3.69 31.25 -11.09
C GLY D 122 -3.50 29.91 -11.77
N SER D 123 -2.55 29.77 -12.69
CA SER D 123 -2.46 28.54 -13.45
C SER D 123 -1.63 27.49 -12.71
N VAL D 124 -2.01 26.22 -12.88
CA VAL D 124 -1.39 25.10 -12.20
C VAL D 124 -0.82 24.16 -13.24
N MET D 125 0.42 23.74 -13.05
CA MET D 125 1.09 22.78 -13.91
C MET D 125 1.40 21.53 -13.10
N PHE D 126 0.96 20.37 -13.57
CA PHE D 126 1.10 19.11 -12.84
C PHE D 126 1.46 18.02 -13.84
N ILE D 127 2.67 17.50 -13.75
CA ILE D 127 3.19 16.57 -14.77
C ILE D 127 3.67 15.27 -14.14
N PRO D 128 2.78 14.38 -13.70
CA PRO D 128 3.24 13.09 -13.20
C PRO D 128 3.77 12.22 -14.33
N ALA D 129 4.80 11.45 -14.03
CA ALA D 129 5.23 10.37 -14.89
C ALA D 129 4.55 9.08 -14.42
N GLN D 130 4.08 8.27 -15.37
CA GLN D 130 3.23 7.13 -15.07
C GLN D 130 3.64 5.91 -15.89
N ARG D 131 3.37 4.73 -15.34
CA ARG D 131 3.33 3.48 -16.09
C ARG D 131 1.91 2.92 -16.06
N LEU D 132 1.38 2.59 -17.24
CA LEU D 132 -0.01 2.20 -17.44
C LEU D 132 -0.09 0.90 -18.25
N SER D 133 -0.84 -0.07 -17.75
CA SER D 133 -1.24 -1.25 -18.52
C SER D 133 -2.66 -1.03 -19.06
N PHE D 134 -2.84 -1.21 -20.35
CA PHE D 134 -4.17 -1.01 -20.91
C PHE D 134 -4.45 -2.02 -22.02
N MET D 135 -5.73 -2.11 -22.39
CA MET D 135 -6.17 -3.14 -23.32
C MET D 135 -5.62 -2.84 -24.71
N CYS D 136 -4.79 -3.74 -25.23
CA CYS D 136 -4.17 -3.49 -26.51
C CYS D 136 -3.78 -4.81 -27.14
N ASP D 137 -4.25 -5.04 -28.37
CA ASP D 137 -3.94 -6.25 -29.12
C ASP D 137 -2.70 -5.98 -29.98
N PRO D 138 -1.56 -6.60 -29.69
CA PRO D 138 -0.35 -6.29 -30.45
C PRO D 138 -0.17 -7.16 -31.69
N THR D 139 -1.24 -7.74 -32.22
CA THR D 139 -1.14 -8.47 -33.47
C THR D 139 -0.65 -7.55 -34.59
N GLY D 140 0.38 -7.99 -35.30
CA GLY D 140 0.97 -7.18 -36.34
C GLY D 140 2.18 -6.39 -35.90
N VAL D 141 2.54 -6.48 -34.62
CA VAL D 141 3.72 -5.78 -34.11
C VAL D 141 5.01 -6.32 -34.70
N ASP D 142 5.01 -7.57 -35.18
CA ASP D 142 6.16 -8.17 -35.84
C ASP D 142 6.11 -8.01 -37.35
N SER D 143 5.37 -7.02 -37.85
CA SER D 143 5.26 -6.77 -39.29
C SER D 143 5.62 -5.31 -39.58
N GLU D 144 5.65 -4.96 -40.87
CA GLU D 144 6.05 -3.61 -41.23
C GLU D 144 4.95 -2.59 -40.89
N GLU D 145 3.68 -2.99 -41.07
CA GLU D 145 2.56 -2.11 -40.73
C GLU D 145 2.41 -1.93 -39.23
N GLY D 146 3.02 -2.79 -38.41
CA GLY D 146 2.90 -2.62 -36.97
C GLY D 146 1.48 -2.86 -36.44
N ALA D 147 1.33 -2.55 -35.15
CA ALA D 147 0.06 -2.66 -34.45
C ALA D 147 -0.38 -1.27 -33.99
N THR D 148 -1.69 -1.07 -33.89
CA THR D 148 -2.29 0.19 -33.44
C THR D 148 -3.13 -0.06 -32.20
N CYS D 149 -2.90 0.73 -31.15
CA CYS D 149 -3.73 0.65 -29.96
C CYS D 149 -4.15 2.06 -29.54
N ALA D 150 -5.13 2.11 -28.63
CA ALA D 150 -5.75 3.37 -28.27
C ALA D 150 -6.30 3.26 -26.85
N VAL D 151 -6.32 4.39 -26.16
CA VAL D 151 -6.87 4.46 -24.82
C VAL D 151 -7.30 5.90 -24.57
N LYS D 152 -8.52 6.07 -24.06
CA LYS D 152 -9.07 7.37 -23.77
C LYS D 152 -8.75 7.78 -22.34
N PHE D 153 -8.52 9.08 -22.14
CA PHE D 153 -8.32 9.70 -20.84
C PHE D 153 -9.34 10.82 -20.63
N GLY D 154 -9.92 10.91 -19.44
CA GLY D 154 -10.87 11.99 -19.17
C GLY D 154 -11.31 11.98 -17.72
N SER D 155 -12.02 13.03 -17.33
CA SER D 155 -12.55 13.09 -15.97
C SER D 155 -13.46 11.91 -15.75
N TRP D 156 -13.38 11.32 -14.56
CA TRP D 156 -14.26 10.20 -14.25
C TRP D 156 -15.68 10.66 -13.92
N VAL D 157 -15.85 11.79 -13.22
CA VAL D 157 -17.15 12.16 -12.68
C VAL D 157 -17.61 13.56 -13.07
N TYR D 158 -16.81 14.33 -13.80
CA TYR D 158 -17.23 15.67 -14.24
C TYR D 158 -17.56 15.62 -15.72
N SER D 159 -18.74 16.14 -16.07
CA SER D 159 -19.08 16.22 -17.48
C SER D 159 -18.37 17.40 -18.14
N GLY D 160 -18.55 17.50 -19.47
CA GLY D 160 -18.02 18.59 -20.25
C GLY D 160 -18.57 19.96 -19.91
N PHE D 161 -19.68 20.05 -19.17
CA PHE D 161 -20.12 21.35 -18.65
C PHE D 161 -19.44 21.70 -17.35
N GLU D 162 -18.59 20.83 -16.82
CA GLU D 162 -17.84 21.14 -15.62
C GLU D 162 -16.35 21.16 -15.87
N ILE D 163 -15.81 20.09 -16.46
CA ILE D 163 -14.44 20.04 -16.91
C ILE D 163 -14.49 19.84 -18.41
N ASP D 164 -13.94 20.80 -19.14
CA ASP D 164 -13.67 20.63 -20.55
C ASP D 164 -12.20 20.28 -20.67
N LEU D 165 -11.85 19.57 -21.74
CA LEU D 165 -10.46 19.22 -21.99
C LEU D 165 -10.00 19.85 -23.29
N LYS D 166 -8.72 20.22 -23.33
CA LYS D 166 -8.13 20.75 -24.55
C LYS D 166 -6.75 20.15 -24.69
N THR D 167 -6.28 20.04 -25.93
CA THR D 167 -4.88 19.74 -26.19
C THR D 167 -4.24 20.95 -26.83
N ASP D 168 -2.93 21.10 -26.64
CA ASP D 168 -2.17 22.11 -27.37
C ASP D 168 -1.70 21.62 -28.73
N THR D 169 -1.70 20.31 -28.95
CA THR D 169 -1.40 19.76 -30.28
C THR D 169 -2.03 18.38 -30.32
N ASP D 170 -2.21 17.85 -31.53
CA ASP D 170 -2.69 16.48 -31.65
C ASP D 170 -1.55 15.48 -31.84
N GLN D 171 -0.32 15.96 -31.87
CA GLN D 171 0.85 15.10 -32.07
C GLN D 171 1.50 14.85 -30.72
N VAL D 172 1.63 13.59 -30.35
CA VAL D 172 2.32 13.23 -29.11
C VAL D 172 3.80 13.49 -29.29
N ASP D 173 4.40 14.19 -28.33
CA ASP D 173 5.84 14.43 -28.37
C ASP D 173 6.60 13.11 -28.20
N LEU D 174 7.51 12.83 -29.13
CA LEU D 174 8.30 11.59 -29.10
C LEU D 174 9.77 11.87 -28.87
N SER D 175 10.14 13.12 -28.60
CA SER D 175 11.56 13.44 -28.51
C SER D 175 12.23 12.85 -27.27
N SER D 176 11.45 12.49 -26.25
CA SER D 176 11.97 11.75 -25.10
C SER D 176 11.71 10.25 -25.22
N TYR D 177 11.28 9.76 -26.37
CA TYR D 177 11.07 8.31 -26.51
C TYR D 177 12.40 7.57 -26.42
N TYR D 178 12.40 6.44 -25.72
CA TYR D 178 13.61 5.67 -25.46
C TYR D 178 14.14 5.05 -26.75
N ALA D 179 15.34 5.46 -27.18
CA ALA D 179 15.84 5.04 -28.49
C ALA D 179 16.14 3.54 -28.56
N SER D 180 16.38 2.87 -27.44
CA SER D 180 16.67 1.44 -27.48
C SER D 180 15.50 0.59 -26.98
N SER D 181 14.28 1.12 -27.08
CA SER D 181 13.11 0.34 -26.73
C SER D 181 13.00 -0.89 -27.63
N LYS D 182 12.36 -1.95 -27.12
CA LYS D 182 12.04 -3.10 -27.96
C LYS D 182 11.09 -2.73 -29.08
N TYR D 183 10.37 -1.62 -28.94
CA TYR D 183 9.37 -1.19 -29.91
C TYR D 183 9.66 0.22 -30.37
N GLU D 184 9.55 0.45 -31.67
CA GLU D 184 9.64 1.79 -32.22
C GLU D 184 8.24 2.32 -32.49
N ILE D 185 8.10 3.64 -32.43
CA ILE D 185 6.80 4.30 -32.61
C ILE D 185 6.65 4.73 -34.06
N LEU D 186 5.60 4.25 -34.72
CA LEU D 186 5.31 4.68 -36.07
C LEU D 186 4.47 5.96 -36.09
N SER D 187 3.55 6.13 -35.14
CA SER D 187 2.86 7.39 -34.97
C SER D 187 2.13 7.37 -33.63
N ALA D 188 1.80 8.57 -33.16
CA ALA D 188 1.26 8.76 -31.82
C ALA D 188 0.48 10.07 -31.85
N THR D 189 -0.83 9.99 -31.74
CA THR D 189 -1.66 11.18 -31.72
C THR D 189 -2.51 11.22 -30.46
N GLN D 190 -3.01 12.41 -30.15
CA GLN D 190 -3.86 12.61 -28.98
C GLN D 190 -4.97 13.55 -29.41
N THR D 191 -6.22 13.10 -29.31
CA THR D 191 -7.34 13.79 -29.96
C THR D 191 -8.47 14.02 -29.00
N ARG D 192 -8.89 15.27 -28.86
CA ARG D 192 -10.06 15.58 -28.06
C ARG D 192 -11.31 14.94 -28.67
N GLN D 193 -12.16 14.32 -27.84
CA GLN D 193 -13.44 13.77 -28.26
C GLN D 193 -14.55 14.20 -27.30
N VAL D 194 -15.75 14.37 -27.84
CA VAL D 194 -16.98 14.53 -27.06
C VAL D 194 -17.82 13.26 -27.21
N GLN D 195 -18.26 12.69 -26.09
CA GLN D 195 -19.01 11.44 -26.08
C GLN D 195 -20.26 11.56 -25.19
N HIS D 196 -21.40 11.10 -25.71
CA HIS D 196 -22.60 10.96 -24.91
C HIS D 196 -22.82 9.50 -24.53
N TYR D 197 -23.32 9.29 -23.30
CA TYR D 197 -23.57 7.95 -22.79
C TYR D 197 -25.00 7.84 -22.32
N SER D 198 -25.57 6.66 -22.59
CA SER D 198 -26.91 6.27 -22.16
C SER D 198 -27.15 6.57 -20.68
N CYS D 199 -26.14 6.30 -19.84
CA CYS D 199 -26.26 6.47 -18.39
C CYS D 199 -26.64 7.90 -18.01
N CYS D 200 -26.12 8.88 -18.74
CA CYS D 200 -25.92 10.16 -18.10
C CYS D 200 -26.40 11.28 -19.02
N PRO D 201 -27.08 12.29 -18.51
CA PRO D 201 -27.64 13.32 -19.42
C PRO D 201 -26.59 14.21 -20.06
N GLU D 202 -25.37 14.28 -19.51
CA GLU D 202 -24.46 15.29 -20.07
C GLU D 202 -23.25 14.66 -20.78
N PRO D 203 -22.73 15.30 -21.83
CA PRO D 203 -21.55 14.77 -22.52
C PRO D 203 -20.30 14.81 -21.64
N TYR D 204 -19.43 13.81 -21.82
CA TYR D 204 -18.13 13.77 -21.16
C TYR D 204 -17.02 13.91 -22.20
N ILE D 205 -15.93 14.57 -21.80
CA ILE D 205 -14.82 14.84 -22.69
C ILE D 205 -13.68 13.91 -22.36
N ASP D 206 -13.03 13.39 -23.40
CA ASP D 206 -11.82 12.61 -23.25
C ASP D 206 -10.81 13.04 -24.32
N VAL D 207 -9.55 12.67 -24.08
CA VAL D 207 -8.49 12.76 -25.08
C VAL D 207 -8.13 11.33 -25.44
N ASN D 208 -8.18 11.02 -26.73
CA ASN D 208 -7.93 9.67 -27.22
C ASN D 208 -6.46 9.55 -27.61
N LEU D 209 -5.72 8.67 -26.94
CA LEU D 209 -4.32 8.49 -27.25
C LEU D 209 -4.17 7.26 -28.15
N VAL D 210 -3.73 7.49 -29.39
CA VAL D 210 -3.64 6.44 -30.42
C VAL D 210 -2.17 6.28 -30.80
N VAL D 211 -1.64 5.07 -30.62
CA VAL D 211 -0.24 4.78 -30.83
C VAL D 211 -0.11 3.62 -31.80
N LYS D 212 0.73 3.79 -32.82
CA LYS D 212 1.04 2.72 -33.75
C LYS D 212 2.52 2.38 -33.60
N PHE D 213 2.83 1.10 -33.47
CA PHE D 213 4.16 0.69 -33.04
C PHE D 213 4.51 -0.68 -33.60
N ARG D 214 5.81 -0.97 -33.68
CA ARG D 214 6.27 -2.29 -34.09
C ARG D 214 7.61 -2.58 -33.43
N GLU D 215 8.02 -3.85 -33.48
CA GLU D 215 9.25 -4.30 -32.80
C GLU D 215 10.53 -3.55 -33.18
N ASP E 6 18.53 11.51 36.37
CA ASP E 6 18.34 12.95 36.21
C ASP E 6 19.26 13.51 35.10
N ASP E 7 20.49 13.00 34.99
CA ASP E 7 21.35 13.39 33.88
C ASP E 7 20.81 12.89 32.55
N LYS E 8 20.21 11.70 32.55
CA LYS E 8 19.58 11.18 31.34
C LYS E 8 18.36 12.01 30.98
N LEU E 9 17.49 12.28 31.97
CA LEU E 9 16.35 13.15 31.73
C LEU E 9 16.80 14.51 31.22
N HIS E 10 17.86 15.06 31.82
CA HIS E 10 18.46 16.32 31.38
C HIS E 10 18.82 16.28 29.89
N SER E 11 19.60 15.27 29.48
CA SER E 11 20.00 15.20 28.08
C SER E 11 18.80 14.96 27.17
N GLN E 12 17.84 14.14 27.58
CA GLN E 12 16.61 14.01 26.80
C GLN E 12 15.87 15.34 26.70
N ALA E 13 15.81 16.10 27.80
CA ALA E 13 15.12 17.38 27.75
C ALA E 13 15.83 18.36 26.84
N ASN E 14 17.16 18.33 26.82
CA ASN E 14 17.89 19.26 25.96
C ASN E 14 17.63 18.95 24.49
N LEU E 15 17.55 17.67 24.14
CA LEU E 15 17.26 17.31 22.76
C LEU E 15 15.81 17.66 22.40
N MET E 16 14.87 17.42 23.31
CA MET E 16 13.48 17.80 23.03
C MET E 16 13.35 19.31 22.88
N ARG E 17 14.13 20.07 23.64
CA ARG E 17 14.06 21.52 23.54
C ARG E 17 14.66 22.01 22.22
N LEU E 18 15.77 21.41 21.78
CA LEU E 18 16.34 21.73 20.48
C LEU E 18 15.34 21.48 19.34
N LYS E 19 14.76 20.27 19.32
CA LYS E 19 13.87 19.91 18.24
C LYS E 19 12.61 20.77 18.24
N SER E 20 12.09 21.05 19.44
CA SER E 20 10.95 21.95 19.57
C SER E 20 11.29 23.35 19.02
N ASP E 21 12.48 23.87 19.36
CA ASP E 21 12.84 25.20 18.87
C ASP E 21 13.00 25.21 17.35
N LEU E 22 13.58 24.16 16.79
CA LEU E 22 13.80 24.15 15.35
C LEU E 22 12.48 24.00 14.58
N PHE E 23 11.54 23.24 15.12
CA PHE E 23 10.36 23.02 14.33
C PHE E 23 9.34 24.14 14.47
N ASN E 24 9.62 25.15 15.31
CA ASN E 24 8.78 26.35 15.42
C ASN E 24 9.48 27.59 14.84
N TYR E 29 10.65 27.06 6.81
CA TYR E 29 11.33 26.82 5.54
C TYR E 29 10.36 26.24 4.52
N PRO E 30 10.11 26.99 3.44
CA PRO E 30 9.15 26.54 2.42
C PRO E 30 9.78 25.86 1.20
N GLY E 31 11.06 25.50 1.25
CA GLY E 31 11.76 24.99 0.09
C GLY E 31 12.57 26.07 -0.61
N PRO E 32 13.45 25.68 -1.52
CA PRO E 32 14.27 26.67 -2.22
C PRO E 32 13.46 27.49 -3.21
N THR E 33 14.01 28.66 -3.54
CA THR E 33 13.42 29.59 -4.49
C THR E 33 14.55 30.23 -5.28
N LYS E 34 14.20 31.07 -6.26
CA LYS E 34 15.25 31.83 -6.95
C LYS E 34 15.95 32.80 -5.99
N ASP E 35 15.20 33.39 -5.05
CA ASP E 35 15.85 34.26 -4.07
C ASP E 35 16.66 33.47 -3.06
N ASP E 36 16.26 32.24 -2.74
CA ASP E 36 16.91 31.44 -1.69
C ASP E 36 17.28 30.06 -2.24
N PRO E 37 18.20 30.00 -3.21
CA PRO E 37 18.49 28.71 -3.85
C PRO E 37 19.28 27.80 -2.94
N LEU E 38 19.37 26.53 -3.36
CA LEU E 38 19.93 25.50 -2.52
C LEU E 38 20.82 24.61 -3.38
N THR E 39 21.96 24.19 -2.85
CA THR E 39 22.77 23.18 -3.52
C THR E 39 22.60 21.84 -2.82
N VAL E 40 22.33 20.80 -3.59
CA VAL E 40 22.18 19.46 -3.08
C VAL E 40 23.34 18.63 -3.64
N THR E 41 24.11 18.02 -2.76
CA THR E 41 25.16 17.10 -3.18
C THR E 41 24.60 15.69 -3.21
N LEU E 42 24.93 14.96 -4.27
CA LEU E 42 24.42 13.64 -4.58
C LEU E 42 25.58 12.68 -4.82
N GLY E 43 25.48 11.47 -4.30
CA GLY E 43 26.42 10.41 -4.63
C GLY E 43 25.74 9.06 -4.57
N PHE E 44 26.18 8.15 -5.43
CA PHE E 44 25.63 6.80 -5.46
C PHE E 44 26.64 5.78 -4.96
N THR E 45 26.16 4.87 -4.12
CA THR E 45 26.90 3.68 -3.73
C THR E 45 26.16 2.52 -4.35
N LEU E 46 26.71 1.96 -5.42
CA LEU E 46 26.04 0.89 -6.14
C LEU E 46 26.32 -0.43 -5.43
N GLN E 47 25.27 -1.15 -5.07
CA GLN E 47 25.42 -2.45 -4.41
C GLN E 47 25.27 -3.64 -5.34
N ASP E 48 24.39 -3.56 -6.33
CA ASP E 48 24.08 -4.77 -7.06
C ASP E 48 23.34 -4.41 -8.33
N ILE E 49 23.71 -5.07 -9.43
CA ILE E 49 22.85 -5.15 -10.60
C ILE E 49 22.09 -6.46 -10.44
N VAL E 50 20.83 -6.38 -10.01
CA VAL E 50 20.10 -7.60 -9.67
C VAL E 50 19.71 -8.36 -10.92
N LYS E 51 19.12 -7.65 -11.88
CA LYS E 51 18.46 -8.27 -13.02
C LYS E 51 18.69 -7.41 -14.24
N ALA E 52 18.99 -8.05 -15.36
CA ALA E 52 18.99 -7.39 -16.65
C ALA E 52 18.01 -8.15 -17.53
N ASP E 53 16.93 -7.49 -17.94
CA ASP E 53 15.84 -8.15 -18.65
C ASP E 53 15.88 -7.70 -20.10
N SER E 54 16.39 -8.57 -20.96
CA SER E 54 16.52 -8.30 -22.38
C SER E 54 15.22 -8.45 -23.15
N SER E 55 14.16 -8.99 -22.54
CA SER E 55 12.89 -9.04 -23.26
C SER E 55 12.12 -7.73 -23.13
N THR E 56 12.44 -6.88 -22.15
CA THR E 56 11.80 -5.58 -21.99
C THR E 56 12.78 -4.42 -21.96
N ASN E 57 14.08 -4.69 -22.02
CA ASN E 57 15.13 -3.67 -21.89
C ASN E 57 14.90 -2.83 -20.63
N GLU E 58 14.82 -3.54 -19.50
CA GLU E 58 14.78 -2.99 -18.16
C GLU E 58 15.93 -3.59 -17.34
N VAL E 59 16.56 -2.78 -16.51
CA VAL E 59 17.61 -3.27 -15.62
C VAL E 59 17.35 -2.74 -14.23
N ASP E 60 17.59 -3.59 -13.23
CA ASP E 60 17.28 -3.32 -11.83
C ASP E 60 18.57 -3.09 -11.07
N LEU E 61 18.69 -1.91 -10.45
CA LEU E 61 19.83 -1.60 -9.59
C LEU E 61 19.41 -1.51 -8.13
N VAL E 62 20.33 -1.87 -7.26
CA VAL E 62 20.20 -1.59 -5.82
C VAL E 62 21.37 -0.71 -5.43
N TYR E 63 21.08 0.38 -4.74
CA TYR E 63 22.11 1.35 -4.40
C TYR E 63 21.68 2.15 -3.19
N TYR E 64 22.64 2.81 -2.56
CA TYR E 64 22.38 3.86 -1.58
C TYR E 64 22.52 5.20 -2.30
N GLU E 65 21.55 6.09 -2.10
CA GLU E 65 21.58 7.41 -2.70
C GLU E 65 21.89 8.43 -1.62
N GLN E 66 23.13 8.91 -1.58
CA GLN E 66 23.49 9.92 -0.59
C GLN E 66 23.04 11.31 -1.07
N GLN E 67 22.25 11.99 -0.23
CA GLN E 67 21.85 13.38 -0.48
C GLN E 67 22.24 14.25 0.71
N ARG E 68 22.74 15.45 0.41
CA ARG E 68 23.19 16.37 1.44
C ARG E 68 22.88 17.80 1.00
N TRP E 69 22.28 18.58 1.91
CA TRP E 69 22.03 19.99 1.69
C TRP E 69 22.18 20.68 3.04
N LYS E 70 22.19 22.01 3.03
CA LYS E 70 22.48 22.76 4.25
C LYS E 70 21.53 23.94 4.36
N LEU E 71 20.90 24.11 5.52
CA LEU E 71 19.88 25.14 5.72
C LEU E 71 20.24 25.99 6.93
N ASN E 72 20.12 27.31 6.77
CA ASN E 72 20.26 28.22 7.90
C ASN E 72 19.18 27.96 8.94
N SER E 73 17.98 27.61 8.50
CA SER E 73 16.88 27.38 9.43
C SER E 73 17.13 26.20 10.37
N LEU E 74 18.09 25.33 10.05
CA LEU E 74 18.38 24.18 10.89
C LEU E 74 19.64 24.35 11.72
N MET E 75 20.22 25.55 11.74
CA MET E 75 21.44 25.78 12.51
C MET E 75 21.13 25.98 13.99
N TRP E 76 22.07 25.60 14.84
CA TRP E 76 21.98 25.96 16.24
C TRP E 76 23.38 26.00 16.83
N ASP E 77 23.46 26.58 18.01
CA ASP E 77 24.70 26.71 18.74
C ASP E 77 24.72 25.63 19.79
N PRO E 78 25.62 24.64 19.71
CA PRO E 78 25.59 23.54 20.69
C PRO E 78 25.72 24.00 22.16
N ASN E 79 26.39 25.13 22.41
CA ASN E 79 26.49 25.65 23.77
C ASN E 79 25.12 25.99 24.33
N GLU E 80 24.18 26.35 23.46
CA GLU E 80 22.84 26.71 23.89
C GLU E 80 21.94 25.50 24.09
N TYR E 81 22.44 24.29 23.81
CA TYR E 81 21.61 23.09 23.80
C TYR E 81 22.40 21.90 24.34
N GLY E 82 23.06 22.09 25.48
CA GLY E 82 23.74 21.00 26.15
C GLY E 82 24.78 20.30 25.30
N ASN E 83 25.46 21.04 24.43
CA ASN E 83 26.53 20.51 23.58
C ASN E 83 26.05 19.42 22.61
N ILE E 84 24.76 19.39 22.30
CA ILE E 84 24.26 18.53 21.23
C ILE E 84 24.78 19.04 19.89
N THR E 85 25.38 18.16 19.10
CA THR E 85 25.94 18.53 17.81
C THR E 85 25.16 17.98 16.63
N ASP E 86 24.33 16.97 16.83
CA ASP E 86 23.54 16.38 15.75
C ASP E 86 22.36 15.63 16.36
N PHE E 87 21.37 15.31 15.51
CA PHE E 87 20.23 14.51 15.91
C PHE E 87 19.65 13.80 14.70
N ARG E 88 18.83 12.80 14.98
CA ARG E 88 18.13 12.01 13.97
C ARG E 88 16.66 12.36 14.00
N THR E 89 16.06 12.59 12.83
CA THR E 89 14.61 12.71 12.74
C THR E 89 14.10 12.01 11.50
N SER E 90 12.82 11.66 11.57
CA SER E 90 12.10 11.18 10.40
C SER E 90 12.26 12.15 9.24
N ALA E 91 12.53 11.60 8.06
CA ALA E 91 12.63 12.40 6.84
C ALA E 91 11.35 13.15 6.55
N ALA E 92 10.21 12.69 7.06
CA ALA E 92 8.94 13.40 6.87
C ALA E 92 8.81 14.61 7.79
N ASP E 93 9.69 14.81 8.77
CA ASP E 93 9.63 16.00 9.60
C ASP E 93 10.34 17.20 8.99
N ILE E 94 11.04 17.03 7.88
CA ILE E 94 11.81 18.10 7.27
C ILE E 94 11.54 18.10 5.77
N TRP E 95 11.83 19.23 5.15
CA TRP E 95 11.84 19.28 3.70
C TRP E 95 12.93 18.34 3.18
N THR E 96 12.66 17.69 2.04
CA THR E 96 13.66 16.88 1.34
C THR E 96 13.57 17.17 -0.15
N PRO E 97 14.68 17.06 -0.88
CA PRO E 97 14.64 17.34 -2.33
C PRO E 97 13.82 16.30 -3.07
N ASP E 98 13.27 16.71 -4.21
CA ASP E 98 12.46 15.82 -5.05
C ASP E 98 13.30 15.16 -6.14
N ILE E 99 14.50 14.70 -5.79
CA ILE E 99 15.41 14.10 -6.77
C ILE E 99 14.80 12.82 -7.33
N THR E 100 14.77 12.70 -8.65
CA THR E 100 14.06 11.57 -9.25
C THR E 100 14.85 11.01 -10.42
N ALA E 101 14.86 9.68 -10.56
CA ALA E 101 15.31 9.07 -11.81
C ALA E 101 14.38 9.48 -12.94
N TYR E 102 14.95 9.89 -14.09
CA TYR E 102 14.13 10.37 -15.21
C TYR E 102 13.64 9.26 -16.14
N SER E 103 14.28 8.09 -16.13
CA SER E 103 13.88 7.03 -17.06
C SER E 103 13.55 5.73 -16.31
N SER E 104 12.94 5.82 -15.14
CA SER E 104 12.51 4.59 -14.46
C SER E 104 11.29 3.99 -15.16
N THR E 105 11.08 2.69 -14.94
CA THR E 105 9.90 2.03 -15.48
C THR E 105 9.01 1.42 -14.42
N ARG E 106 9.39 1.51 -13.15
CA ARG E 106 8.57 1.09 -12.02
C ARG E 106 8.75 2.12 -10.91
N PRO E 107 7.77 2.29 -10.03
CA PRO E 107 8.00 3.09 -8.82
C PRO E 107 9.25 2.59 -8.11
N VAL E 108 10.11 3.51 -7.68
CA VAL E 108 11.27 3.11 -6.90
C VAL E 108 10.79 2.44 -5.62
N GLN E 109 11.50 1.38 -5.20
CA GLN E 109 11.21 0.70 -3.95
C GLN E 109 12.22 1.16 -2.90
N VAL E 110 11.72 1.71 -1.80
CA VAL E 110 12.60 2.13 -0.71
C VAL E 110 12.88 0.92 0.17
N LEU E 111 14.17 0.68 0.46
CA LEU E 111 14.60 -0.49 1.20
C LEU E 111 15.02 -0.18 2.62
N SER E 112 15.07 1.09 3.01
CA SER E 112 15.60 1.50 4.30
C SER E 112 14.61 2.40 5.02
N PRO E 113 14.75 2.57 6.34
CA PRO E 113 13.98 3.61 7.03
C PRO E 113 14.30 5.00 6.48
N GLN E 114 13.31 5.88 6.54
CA GLN E 114 13.45 7.22 5.99
C GLN E 114 13.79 8.18 7.13
N ILE E 115 15.07 8.25 7.46
CA ILE E 115 15.53 8.97 8.63
C ILE E 115 16.75 9.76 8.21
N ALA E 116 16.77 11.05 8.53
CA ALA E 116 17.86 11.94 8.18
C ALA E 116 18.67 12.30 9.44
N VAL E 117 19.93 12.67 9.21
CA VAL E 117 20.81 13.17 10.26
C VAL E 117 21.02 14.66 10.04
N VAL E 118 20.76 15.46 11.08
CA VAL E 118 20.89 16.91 11.02
C VAL E 118 22.02 17.35 11.95
N THR E 119 22.92 18.19 11.44
CA THR E 119 24.08 18.65 12.16
C THR E 119 23.92 20.13 12.50
N HIS E 120 24.61 20.57 13.56
CA HIS E 120 24.40 21.92 14.10
C HIS E 120 24.77 23.04 13.12
N ASP E 121 25.55 22.76 12.07
CA ASP E 121 25.81 23.77 11.06
C ASP E 121 24.65 23.95 10.09
N GLY E 122 23.55 23.22 10.26
CA GLY E 122 22.43 23.27 9.33
C GLY E 122 22.46 22.19 8.26
N SER E 123 23.42 21.27 8.35
CA SER E 123 23.67 20.25 7.34
C SER E 123 22.74 19.06 7.56
N VAL E 124 22.17 18.55 6.46
CA VAL E 124 21.30 17.39 6.49
C VAL E 124 21.91 16.29 5.63
N MET E 125 21.97 15.08 6.19
CA MET E 125 22.37 13.90 5.44
C MET E 125 21.20 12.93 5.41
N PHE E 126 20.89 12.42 4.22
CA PHE E 126 19.76 11.52 4.00
C PHE E 126 20.18 10.49 2.96
N ILE E 127 20.24 9.22 3.35
CA ILE E 127 20.79 8.18 2.49
C ILE E 127 19.83 7.00 2.34
N PRO E 128 18.80 7.14 1.51
CA PRO E 128 17.90 6.00 1.31
C PRO E 128 18.52 4.94 0.40
N ALA E 129 18.28 3.68 0.77
CA ALA E 129 18.60 2.55 -0.10
C ALA E 129 17.39 2.26 -0.98
N GLN E 130 17.65 1.91 -2.23
CA GLN E 130 16.59 1.90 -3.23
C GLN E 130 16.81 0.77 -4.22
N ARG E 131 15.72 0.24 -4.75
CA ARG E 131 15.77 -0.62 -5.91
C ARG E 131 15.07 0.11 -7.03
N LEU E 132 15.71 0.17 -8.19
CA LEU E 132 15.25 0.95 -9.32
C LEU E 132 15.28 0.10 -10.60
N SER E 133 14.14 0.01 -11.28
CA SER E 133 14.06 -0.49 -12.64
C SER E 133 14.06 0.71 -13.58
N PHE E 134 14.94 0.70 -14.58
CA PHE E 134 15.04 1.81 -15.53
C PHE E 134 15.34 1.28 -16.93
N MET E 135 15.30 2.19 -17.90
CA MET E 135 15.36 1.81 -19.31
C MET E 135 16.80 1.53 -19.70
N CYS E 136 17.07 0.31 -20.13
CA CYS E 136 18.43 -0.13 -20.41
C CYS E 136 18.40 -1.35 -21.33
N ASP E 137 19.09 -1.25 -22.46
CA ASP E 137 19.24 -2.36 -23.39
C ASP E 137 20.50 -3.11 -23.03
N PRO E 138 20.42 -4.33 -22.51
CA PRO E 138 21.64 -4.99 -22.02
C PRO E 138 22.40 -5.75 -23.10
N THR E 139 22.17 -5.42 -24.37
CA THR E 139 22.83 -6.13 -25.46
C THR E 139 24.34 -6.00 -25.35
N GLY E 140 25.04 -7.11 -25.51
CA GLY E 140 26.47 -7.14 -25.34
C GLY E 140 26.93 -7.50 -23.94
N VAL E 141 26.00 -7.68 -23.00
CA VAL E 141 26.39 -7.98 -21.62
C VAL E 141 27.07 -9.34 -21.52
N ASP E 142 26.83 -10.24 -22.48
CA ASP E 142 27.49 -11.54 -22.55
C ASP E 142 28.78 -11.50 -23.35
N SER E 143 29.43 -10.33 -23.42
CA SER E 143 30.63 -10.13 -24.21
C SER E 143 31.69 -9.48 -23.34
N GLU E 144 32.91 -9.42 -23.85
CA GLU E 144 34.00 -8.87 -23.04
C GLU E 144 33.86 -7.36 -22.87
N GLU E 145 33.38 -6.67 -23.90
CA GLU E 145 33.21 -5.23 -23.79
C GLU E 145 31.96 -4.84 -22.99
N GLY E 146 31.06 -5.79 -22.71
CA GLY E 146 29.93 -5.55 -21.85
C GLY E 146 28.83 -4.69 -22.48
N ALA E 147 27.93 -4.22 -21.61
CA ALA E 147 26.84 -3.34 -21.99
C ALA E 147 26.96 -2.03 -21.25
N THR E 148 26.40 -0.97 -21.82
CA THR E 148 26.46 0.34 -21.19
C THR E 148 25.04 0.86 -21.01
N CYS E 149 24.74 1.34 -19.81
CA CYS E 149 23.45 1.94 -19.55
C CYS E 149 23.61 3.21 -18.73
N ALA E 150 22.63 4.10 -18.88
CA ALA E 150 22.67 5.42 -18.27
C ALA E 150 21.28 5.79 -17.78
N VAL E 151 21.22 6.53 -16.68
CA VAL E 151 19.96 7.09 -16.21
C VAL E 151 20.24 8.43 -15.53
N LYS E 152 19.47 9.46 -15.87
CA LYS E 152 19.63 10.78 -15.28
C LYS E 152 18.75 10.95 -14.03
N PHE E 153 19.31 11.59 -13.00
CA PHE E 153 18.61 11.98 -11.79
C PHE E 153 18.57 13.50 -11.67
N GLY E 154 17.45 14.03 -11.19
CA GLY E 154 17.35 15.47 -11.00
C GLY E 154 16.03 15.80 -10.35
N SER E 155 15.93 17.06 -9.91
CA SER E 155 14.69 17.57 -9.34
C SER E 155 13.55 17.43 -10.34
N TRP E 156 12.35 17.14 -9.83
CA TRP E 156 11.18 17.07 -10.71
C TRP E 156 10.62 18.45 -11.05
N VAL E 157 10.69 19.42 -10.13
CA VAL E 157 9.97 20.67 -10.29
C VAL E 157 10.84 21.90 -10.05
N TYR E 158 12.11 21.74 -9.67
CA TYR E 158 12.97 22.89 -9.44
C TYR E 158 14.03 22.96 -10.52
N SER E 159 14.19 24.15 -11.11
CA SER E 159 15.19 24.40 -12.13
C SER E 159 16.55 24.61 -11.49
N GLY E 160 17.56 24.82 -12.36
CA GLY E 160 18.88 25.17 -11.86
C GLY E 160 18.94 26.49 -11.12
N PHE E 161 17.96 27.38 -11.35
CA PHE E 161 17.87 28.62 -10.58
C PHE E 161 17.42 28.36 -9.14
N GLU E 162 16.90 27.18 -8.82
CA GLU E 162 16.38 26.91 -7.48
C GLU E 162 17.18 25.84 -6.76
N ILE E 163 17.49 24.74 -7.42
CA ILE E 163 18.34 23.71 -6.87
C ILE E 163 19.50 23.49 -7.82
N ASP E 164 20.71 23.61 -7.32
CA ASP E 164 21.90 23.17 -8.03
C ASP E 164 22.28 21.78 -7.53
N LEU E 165 22.74 20.92 -8.43
CA LEU E 165 23.17 19.57 -8.10
C LEU E 165 24.69 19.47 -8.21
N LYS E 166 25.30 18.79 -7.24
CA LYS E 166 26.75 18.61 -7.22
C LYS E 166 27.08 17.18 -6.84
N THR E 167 28.19 16.68 -7.36
CA THR E 167 28.80 15.46 -6.85
C THR E 167 30.13 15.83 -6.20
N ASP E 168 30.52 15.05 -5.19
CA ASP E 168 31.85 15.21 -4.63
C ASP E 168 32.90 14.55 -5.48
N THR E 169 32.51 13.55 -6.27
CA THR E 169 33.40 12.87 -7.19
C THR E 169 32.55 12.35 -8.32
N ASP E 170 33.16 12.18 -9.48
CA ASP E 170 32.45 11.56 -10.60
C ASP E 170 32.52 10.03 -10.60
N GLN E 171 33.27 9.44 -9.68
CA GLN E 171 33.39 7.99 -9.59
C GLN E 171 32.32 7.47 -8.65
N VAL E 172 31.46 6.57 -9.14
CA VAL E 172 30.47 5.96 -8.27
C VAL E 172 31.18 5.14 -7.21
N ASP E 173 30.78 5.29 -5.96
CA ASP E 173 31.33 4.45 -4.92
C ASP E 173 31.00 2.99 -5.20
N LEU E 174 32.03 2.18 -5.39
CA LEU E 174 31.87 0.76 -5.73
C LEU E 174 32.39 -0.15 -4.64
N SER E 175 32.75 0.40 -3.48
CA SER E 175 33.42 -0.37 -2.45
C SER E 175 32.48 -1.29 -1.70
N SER E 176 31.18 -1.22 -1.98
CA SER E 176 30.21 -2.14 -1.41
C SER E 176 29.45 -2.91 -2.49
N TYR E 177 29.97 -2.93 -3.71
CA TYR E 177 29.30 -3.70 -4.75
C TYR E 177 29.37 -5.18 -4.41
N TYR E 178 28.29 -5.90 -4.70
CA TYR E 178 28.15 -7.28 -4.26
C TYR E 178 29.09 -8.18 -5.06
N ALA E 179 30.05 -8.80 -4.36
CA ALA E 179 31.13 -9.54 -5.01
C ALA E 179 30.61 -10.71 -5.84
N SER E 180 29.48 -11.32 -5.47
CA SER E 180 28.96 -12.48 -6.18
C SER E 180 27.72 -12.15 -7.00
N SER E 181 27.60 -10.89 -7.42
CA SER E 181 26.55 -10.49 -8.34
C SER E 181 26.63 -11.29 -9.64
N LYS E 182 25.49 -11.46 -10.31
CA LYS E 182 25.54 -12.03 -11.66
C LYS E 182 26.27 -11.12 -12.64
N TYR E 183 26.51 -9.85 -12.30
CA TYR E 183 27.12 -8.89 -13.22
C TYR E 183 28.30 -8.18 -12.58
N GLU E 184 29.40 -8.10 -13.30
CA GLU E 184 30.58 -7.36 -12.85
C GLU E 184 30.48 -5.95 -13.39
N ILE E 185 30.89 -4.98 -12.57
CA ILE E 185 30.92 -3.58 -12.98
C ILE E 185 32.25 -3.32 -13.68
N LEU E 186 32.18 -2.74 -14.88
CA LEU E 186 33.39 -2.31 -15.58
C LEU E 186 33.70 -0.85 -15.33
N SER E 187 32.68 0.00 -15.23
CA SER E 187 32.86 1.37 -14.77
C SER E 187 31.50 1.93 -14.36
N ALA E 188 31.55 2.94 -13.51
CA ALA E 188 30.35 3.53 -12.95
C ALA E 188 30.67 4.98 -12.65
N THR E 189 30.05 5.90 -13.38
CA THR E 189 30.34 7.31 -13.17
C THR E 189 29.03 8.07 -12.91
N GLN E 190 29.17 9.19 -12.20
CA GLN E 190 28.05 10.05 -11.85
C GLN E 190 28.49 11.49 -12.17
N THR E 191 27.89 12.09 -13.19
CA THR E 191 28.39 13.31 -13.79
C THR E 191 27.30 14.37 -13.84
N ARG E 192 27.56 15.50 -13.20
CA ARG E 192 26.68 16.66 -13.28
C ARG E 192 26.61 17.18 -14.70
N GLN E 193 25.39 17.51 -15.15
CA GLN E 193 25.16 18.05 -16.48
C GLN E 193 24.27 19.27 -16.38
N VAL E 194 24.63 20.33 -17.11
CA VAL E 194 23.75 21.48 -17.29
C VAL E 194 23.08 21.35 -18.65
N GLN E 195 21.75 21.51 -18.67
CA GLN E 195 20.98 21.45 -19.89
C GLN E 195 20.31 22.78 -20.13
N HIS E 196 20.32 23.24 -21.37
CA HIS E 196 19.55 24.40 -21.83
C HIS E 196 18.56 23.90 -22.87
N TYR E 197 17.28 23.96 -22.55
CA TYR E 197 16.22 23.52 -23.45
C TYR E 197 15.58 24.72 -24.13
N SER E 198 15.10 24.49 -25.35
CA SER E 198 14.46 25.55 -26.14
C SER E 198 13.16 26.03 -25.48
N CYS E 199 12.45 25.14 -24.77
CA CYS E 199 11.22 25.54 -24.09
C CYS E 199 11.45 26.70 -23.12
N CYS E 200 12.63 26.74 -22.50
CA CYS E 200 12.74 27.44 -21.25
C CYS E 200 14.08 28.19 -21.16
N PRO E 201 14.09 29.45 -20.72
CA PRO E 201 15.37 30.17 -20.60
C PRO E 201 16.18 29.79 -19.37
N GLU E 202 15.54 29.19 -18.34
CA GLU E 202 16.28 28.81 -17.14
C GLU E 202 17.01 27.48 -17.38
N PRO E 203 18.22 27.33 -16.84
CA PRO E 203 18.95 26.08 -17.01
C PRO E 203 18.41 24.98 -16.09
N TYR E 204 18.62 23.74 -16.51
CA TYR E 204 18.26 22.57 -15.73
C TYR E 204 19.49 21.71 -15.50
N ILE E 205 19.50 21.05 -14.34
CA ILE E 205 20.66 20.31 -13.85
C ILE E 205 20.23 18.88 -13.60
N ASP E 206 21.10 17.95 -13.94
CA ASP E 206 20.89 16.56 -13.57
C ASP E 206 22.25 15.95 -13.29
N VAL E 207 22.22 14.79 -12.65
CA VAL E 207 23.39 13.94 -12.51
C VAL E 207 23.15 12.69 -13.33
N ASN E 208 24.07 12.41 -14.26
CA ASN E 208 23.98 11.27 -15.16
C ASN E 208 24.77 10.10 -14.58
N LEU E 209 24.08 9.00 -14.31
CA LEU E 209 24.71 7.78 -13.82
C LEU E 209 24.94 6.86 -15.02
N VAL E 210 26.18 6.51 -15.28
CA VAL E 210 26.54 5.69 -16.43
C VAL E 210 27.29 4.48 -15.91
N VAL E 211 26.81 3.29 -16.26
CA VAL E 211 27.30 2.04 -15.70
C VAL E 211 27.59 1.10 -16.86
N LYS E 212 28.81 0.57 -16.88
CA LYS E 212 29.22 -0.42 -17.87
C LYS E 212 29.44 -1.73 -17.12
N PHE E 213 28.74 -2.79 -17.55
CA PHE E 213 28.70 -4.03 -16.81
C PHE E 213 28.67 -5.22 -17.76
N ARG E 214 28.92 -6.40 -17.21
CA ARG E 214 28.87 -7.64 -17.98
C ARG E 214 28.67 -8.82 -17.03
N GLU E 215 28.27 -9.95 -17.61
CA GLU E 215 27.97 -11.16 -16.83
C GLU E 215 29.16 -11.69 -16.03
S SO4 F . 6.42 -16.34 -6.32
O1 SO4 F . 6.42 -15.84 -4.95
O2 SO4 F . 6.64 -15.24 -7.27
O3 SO4 F . 5.11 -16.94 -6.60
O4 SO4 F . 7.49 -17.32 -6.50
O1 PG4 G . 28.43 5.35 8.05
C1 PG4 G . 27.40 4.57 8.60
C2 PG4 G . 27.54 3.06 8.31
O2 PG4 G . 26.27 2.43 8.44
C3 PG4 G . 26.08 1.20 7.81
C4 PG4 G . 25.12 1.29 6.60
O3 PG4 G . 24.30 2.44 6.67
C5 PG4 G . 23.95 3.02 5.44
C6 PG4 G . 22.95 4.19 5.68
O4 PG4 G . 23.62 5.39 5.94
C7 PG4 G . 22.96 6.34 6.73
C8 PG4 G . 24.06 7.07 7.50
O5 PG4 G . 23.56 8.13 8.26
S SO4 H . -0.69 -15.65 -9.93
O1 SO4 H . 0.52 -15.58 -9.12
O2 SO4 H . -0.54 -14.83 -11.14
O3 SO4 H . -0.94 -17.05 -10.30
O4 SO4 H . -1.83 -15.15 -9.16
O1 PG4 I . -20.38 -11.85 8.01
C1 PG4 I . -20.90 -13.08 7.58
C2 PG4 I . -19.91 -13.75 6.60
O2 PG4 I . -20.12 -13.27 5.31
C3 PG4 I . -20.24 -14.29 4.35
C4 PG4 I . -21.08 -13.81 3.16
O3 PG4 I . -22.42 -13.67 3.54
C5 PG4 I . -23.35 -14.16 2.61
C6 PG4 I . -24.62 -14.74 3.26
O4 PG4 I . -24.59 -14.74 4.68
C7 PG4 I . -25.43 -15.72 5.25
C8 PG4 I . -25.80 -15.34 6.70
O5 PG4 I . -24.85 -15.90 7.58
S SO4 J . 0.48 -10.33 -15.29
O1 SO4 J . -0.42 -9.47 -14.53
O2 SO4 J . 1.42 -9.47 -16.03
O3 SO4 J . -0.27 -11.18 -16.23
O4 SO4 J . 1.23 -11.19 -14.38
C10 74S K . -18.32 5.81 -18.05
C13 74S K . -20.69 4.44 -18.01
C15 74S K . -21.85 2.34 -18.43
C17 74S K . -19.95 3.07 -19.79
C21 74S K . -21.06 8.58 -13.80
C22 74S K . -20.00 9.10 -14.38
C26 74S K . -25.31 8.77 -12.98
C28 74S K . -23.68 7.61 -12.14
C32 74S K . -26.49 9.25 -13.41
C31 74S K . -26.58 10.51 -14.02
C30 74S K . -25.41 11.24 -14.15
C29 74S K . -24.22 10.69 -13.69
C25 74S K . -24.17 9.48 -13.11
C27 74S K . -25.01 7.61 -12.37
C33 74S K . -25.76 6.55 -12.02
C34 74S K . -25.20 5.44 -11.38
C35 74S K . -23.83 5.44 -11.13
C36 74S K . -23.10 6.56 -11.54
N24 74S K . -23.17 8.76 -12.58
C23 74S K . -21.70 9.06 -12.48
N20 74S K . -21.54 7.57 -14.51
N19 74S K . -20.78 7.44 -15.59
N18 74S K . -19.81 8.41 -15.51
C07 74S K . -18.70 8.52 -16.47
C08 74S K . -19.21 8.20 -17.90
C06 74S K . -17.78 7.55 -16.03
C04 74S K . -16.48 7.43 -16.86
C03 74S K . -15.96 7.66 -17.87
C02 74S K . -16.57 8.65 -18.73
C01 74S K . -18.06 8.28 -19.04
N05 74S K . -17.39 7.08 -18.18
C72 74S K . -16.69 6.20 -19.30
C11 74S K . -18.80 5.15 -19.39
C12 74S K . -19.79 4.22 -19.07
C14 74S K . -21.71 3.52 -17.68
C16 74S K . -20.95 2.14 -19.48
S SO4 L . 11.55 -11.36 -9.46
O1 SO4 L . 12.50 -11.07 -10.53
O2 SO4 L . 11.63 -10.31 -8.44
O3 SO4 L . 10.20 -11.41 -10.04
O4 SO4 L . 11.85 -12.65 -8.83
S SO4 M . 7.80 -7.81 -15.19
O1 SO4 M . 7.25 -6.47 -15.12
O2 SO4 M . 8.25 -8.10 -16.56
O3 SO4 M . 6.76 -8.76 -14.82
O4 SO4 M . 8.93 -7.90 -14.25
#